data_7DEY
#
_entry.id   7DEY
#
_cell.length_a   127.738
_cell.length_b   127.738
_cell.length_c   103.591
_cell.angle_alpha   90.00
_cell.angle_beta   90.00
_cell.angle_gamma   90.00
#
_symmetry.space_group_name_H-M   'P 43'
#
_entity_poly.entity_id   1
_entity_poly.type   'polypeptide(L)'
_entity_poly.pdbx_seq_one_letter_code
;KHPPLPFIKDQTLYERVFVHKSVVNGKTYLDQNDLINSHNERLEFLGDSVLNNLVTLIIYDKFPSASEGKLTKMRSQLID
NHTLTQFSFEYGFDKRLKTKTDEEILKTGDQKVYADIFEAYIGALSVERGLDLREIKDWLEKLYAPKLEAFKVNFLQESV
NKEAKSELYSIVGTASSHPLYVVVEEGNGSHDFVVECRMGNDVLGRAKAPSQKEAGLRAAMDALKNRQLLE
;
_entity_poly.pdbx_strand_id   A,B,C,D
#
# COMPACT_ATOMS: atom_id res chain seq x y z
N LYS A 1 17.68 -31.34 -25.22
CA LYS A 1 19.03 -30.91 -24.83
C LYS A 1 19.73 -30.22 -25.98
N HIS A 2 20.82 -29.52 -25.66
CA HIS A 2 21.61 -28.87 -26.68
C HIS A 2 22.30 -29.93 -27.54
N PRO A 3 22.60 -29.60 -28.80
CA PRO A 3 23.31 -30.54 -29.67
C PRO A 3 24.78 -30.63 -29.32
N PRO A 4 25.42 -31.75 -29.59
CA PRO A 4 26.84 -31.88 -29.26
C PRO A 4 27.72 -30.96 -30.08
N LEU A 5 29.00 -31.00 -29.79
CA LEU A 5 29.97 -30.14 -30.46
C LEU A 5 30.49 -30.84 -31.71
N PRO A 6 30.19 -30.34 -32.92
CA PRO A 6 30.83 -30.86 -34.14
C PRO A 6 32.33 -30.98 -33.98
N PHE A 7 32.87 -31.96 -34.69
CA PHE A 7 34.24 -32.41 -34.52
C PHE A 7 35.16 -31.69 -35.50
N ILE A 8 36.39 -31.47 -35.07
CA ILE A 8 37.45 -30.94 -35.92
C ILE A 8 38.42 -32.09 -36.17
N LYS A 9 38.52 -32.50 -37.43
CA LYS A 9 39.37 -33.63 -37.76
C LYS A 9 40.85 -33.22 -37.85
N ASP A 10 41.14 -32.10 -38.49
CA ASP A 10 42.54 -31.71 -38.73
C ASP A 10 43.23 -31.25 -37.45
N GLN A 11 44.26 -31.96 -37.00
CA GLN A 11 44.93 -31.59 -35.75
C GLN A 11 45.42 -30.14 -35.77
N THR A 12 46.22 -29.77 -36.77
CA THR A 12 46.82 -28.45 -36.75
C THR A 12 45.75 -27.35 -36.84
N LEU A 13 44.64 -27.62 -37.53
CA LEU A 13 43.56 -26.62 -37.56
C LEU A 13 42.87 -26.53 -36.21
N TYR A 14 42.78 -27.66 -35.49
CA TYR A 14 42.31 -27.63 -34.11
C TYR A 14 43.21 -26.79 -33.23
N GLU A 15 44.53 -26.92 -33.41
CA GLU A 15 45.48 -26.20 -32.59
C GLU A 15 45.46 -24.71 -32.91
N ARG A 16 45.05 -24.36 -34.13
CA ARG A 16 44.95 -22.97 -34.55
C ARG A 16 43.71 -22.29 -33.96
N VAL A 17 42.96 -22.96 -33.11
CA VAL A 17 41.90 -22.28 -32.35
C VAL A 17 42.06 -22.45 -30.84
N PHE A 18 42.75 -23.48 -30.36
CA PHE A 18 42.78 -23.83 -28.95
C PHE A 18 44.15 -23.74 -28.28
N VAL A 19 45.25 -24.12 -28.93
CA VAL A 19 46.55 -24.01 -28.26
C VAL A 19 47.16 -22.62 -28.43
N HIS A 20 46.69 -21.83 -29.39
CA HIS A 20 47.14 -20.46 -29.58
C HIS A 20 46.08 -19.49 -29.06
N ASN A 40 45.40 -17.73 -33.78
CA ASN A 40 44.04 -18.07 -34.18
C ASN A 40 43.48 -17.06 -35.19
N GLU A 41 44.30 -16.05 -35.49
CA GLU A 41 43.89 -14.93 -36.35
C GLU A 41 43.19 -15.47 -37.60
N ARG A 42 42.32 -14.64 -38.18
CA ARG A 42 41.78 -14.86 -39.51
C ARG A 42 40.77 -16.00 -39.54
N LEU A 43 40.73 -16.83 -38.50
CA LEU A 43 39.66 -17.80 -38.36
C LEU A 43 38.50 -17.22 -37.57
N GLU A 44 38.80 -16.30 -36.64
CA GLU A 44 37.75 -15.53 -35.99
C GLU A 44 37.18 -14.46 -36.91
N PHE A 45 37.97 -13.96 -37.86
CA PHE A 45 37.40 -13.11 -38.90
C PHE A 45 36.34 -13.86 -39.65
N LEU A 46 36.74 -14.98 -40.26
CA LEU A 46 35.82 -15.81 -41.01
C LEU A 46 34.71 -16.35 -40.12
N GLY A 47 35.07 -16.78 -38.90
CA GLY A 47 34.08 -17.25 -37.96
C GLY A 47 33.02 -16.21 -37.64
N ASP A 48 33.43 -14.97 -37.46
CA ASP A 48 32.47 -13.95 -37.05
C ASP A 48 31.45 -13.68 -38.15
N SER A 49 31.91 -13.52 -39.41
CA SER A 49 30.95 -13.14 -40.46
C SER A 49 30.03 -14.32 -40.77
N VAL A 50 30.60 -15.53 -40.85
CA VAL A 50 29.79 -16.74 -40.97
C VAL A 50 28.71 -16.77 -39.91
N LEU A 51 29.12 -16.76 -38.64
CA LEU A 51 28.15 -16.86 -37.55
C LEU A 51 27.14 -15.72 -37.63
N ASN A 52 27.61 -14.53 -37.94
CA ASN A 52 26.71 -13.39 -37.98
C ASN A 52 25.59 -13.60 -38.99
N ASN A 53 25.91 -14.25 -40.11
CA ASN A 53 24.97 -14.37 -41.21
C ASN A 53 24.02 -15.53 -40.99
N LEU A 54 24.54 -16.67 -40.53
CA LEU A 54 23.68 -17.82 -40.32
C LEU A 54 22.62 -17.52 -39.28
N VAL A 55 22.97 -16.78 -38.23
CA VAL A 55 21.99 -16.34 -37.25
C VAL A 55 20.97 -15.41 -37.90
N THR A 56 21.44 -14.51 -38.77
CA THR A 56 20.50 -13.67 -39.51
C THR A 56 19.49 -14.50 -40.30
N LEU A 57 19.98 -15.41 -41.14
CA LEU A 57 19.07 -16.28 -41.89
C LEU A 57 18.07 -16.94 -40.96
N ILE A 58 18.57 -17.52 -39.88
CA ILE A 58 17.71 -18.25 -38.95
C ILE A 58 16.59 -17.36 -38.44
N ILE A 59 16.94 -16.27 -37.74
CA ILE A 59 15.90 -15.40 -37.19
C ILE A 59 14.98 -14.84 -38.28
N TYR A 60 15.48 -14.67 -39.50
CA TYR A 60 14.65 -14.14 -40.58
C TYR A 60 13.48 -15.07 -40.89
N ASP A 61 13.74 -16.37 -40.88
CA ASP A 61 12.73 -17.39 -41.14
C ASP A 61 11.72 -17.50 -40.00
N LYS A 62 12.18 -17.36 -38.74
CA LYS A 62 11.34 -17.67 -37.59
C LYS A 62 10.57 -16.48 -37.04
N PHE A 63 10.81 -15.28 -37.57
CA PHE A 63 10.09 -14.08 -37.13
C PHE A 63 9.71 -13.28 -38.36
N PRO A 64 8.80 -13.83 -39.18
CA PRO A 64 8.54 -13.23 -40.49
C PRO A 64 7.85 -11.90 -40.46
N SER A 65 7.34 -11.49 -39.29
CA SER A 65 6.75 -10.16 -39.14
C SER A 65 7.66 -9.17 -38.43
N ALA A 66 8.72 -9.65 -37.79
CA ALA A 66 9.58 -8.75 -37.04
C ALA A 66 10.15 -7.73 -38.01
N SER A 67 10.02 -6.45 -37.66
CA SER A 67 10.60 -5.39 -38.45
C SER A 67 12.12 -5.47 -38.37
N GLU A 68 12.78 -4.77 -39.31
CA GLU A 68 14.25 -4.76 -39.34
C GLU A 68 14.87 -4.28 -38.03
N GLY A 69 14.12 -3.50 -37.24
CA GLY A 69 14.61 -3.04 -35.95
C GLY A 69 14.60 -4.13 -34.90
N LYS A 70 13.52 -4.93 -34.85
CA LYS A 70 13.55 -6.05 -33.91
C LYS A 70 14.60 -7.08 -34.34
N LEU A 71 14.76 -7.28 -35.65
CA LEU A 71 15.70 -8.29 -36.11
C LEU A 71 17.13 -7.88 -35.78
N THR A 72 17.43 -6.60 -35.92
CA THR A 72 18.74 -6.10 -35.52
C THR A 72 19.00 -6.33 -34.04
N LYS A 73 17.98 -6.13 -33.20
CA LYS A 73 18.14 -6.38 -31.77
C LYS A 73 18.27 -7.87 -31.48
N MET A 74 17.42 -8.69 -32.08
CA MET A 74 17.51 -10.12 -31.89
C MET A 74 18.88 -10.65 -32.31
N ARG A 75 19.35 -10.29 -33.50
CA ARG A 75 20.67 -10.75 -33.89
C ARG A 75 21.70 -10.25 -32.90
N SER A 76 21.56 -9.00 -32.43
CA SER A 76 22.57 -8.42 -31.56
C SER A 76 22.70 -9.18 -30.25
N GLN A 77 21.58 -9.69 -29.73
CA GLN A 77 21.66 -10.40 -28.46
C GLN A 77 22.20 -11.81 -28.67
N LEU A 78 21.78 -12.47 -29.74
CA LEU A 78 22.17 -13.86 -29.96
C LEU A 78 23.66 -13.98 -30.24
N ILE A 79 24.33 -12.89 -30.60
CA ILE A 79 25.71 -12.93 -31.07
C ILE A 79 26.66 -12.28 -30.10
N ASP A 80 26.16 -11.63 -29.05
CA ASP A 80 27.06 -10.93 -28.16
C ASP A 80 27.95 -11.90 -27.43
N ASN A 81 28.93 -11.33 -26.71
CA ASN A 81 29.94 -12.14 -26.04
C ASN A 81 29.32 -13.02 -24.97
N HIS A 82 28.27 -12.52 -24.32
CA HIS A 82 27.61 -13.23 -23.23
C HIS A 82 27.15 -14.61 -23.68
N THR A 83 26.27 -14.68 -24.69
CA THR A 83 25.75 -15.97 -25.09
C THR A 83 26.82 -16.77 -25.84
N LEU A 84 27.61 -16.09 -26.64
CA LEU A 84 28.81 -16.72 -27.20
C LEU A 84 29.61 -17.44 -26.11
N THR A 85 29.98 -16.70 -25.05
CA THR A 85 30.81 -17.25 -23.99
C THR A 85 30.13 -18.41 -23.28
N GLN A 86 28.79 -18.45 -23.26
CA GLN A 86 28.18 -19.55 -22.54
C GLN A 86 28.01 -20.77 -23.41
N PHE A 87 27.91 -20.61 -24.74
CA PHE A 87 28.10 -21.76 -25.61
C PHE A 87 29.51 -22.31 -25.43
N SER A 88 30.50 -21.40 -25.32
CA SER A 88 31.87 -21.79 -25.04
C SER A 88 32.01 -22.49 -23.70
N PHE A 89 31.20 -22.13 -22.71
CA PHE A 89 31.29 -22.83 -21.44
C PHE A 89 30.52 -24.15 -21.42
N GLU A 90 29.41 -24.27 -22.14
CA GLU A 90 28.62 -25.50 -22.12
C GLU A 90 29.29 -26.65 -22.88
N TYR A 91 30.20 -26.35 -23.80
CA TYR A 91 30.96 -27.33 -24.55
C TYR A 91 32.35 -27.52 -23.98
N GLY A 92 32.57 -27.06 -22.75
CA GLY A 92 33.87 -27.21 -22.13
C GLY A 92 35.00 -26.58 -22.91
N PHE A 93 34.77 -25.40 -23.49
CA PHE A 93 35.89 -24.72 -24.12
C PHE A 93 36.91 -24.31 -23.08
N ASP A 94 36.47 -24.04 -21.84
CA ASP A 94 37.42 -23.68 -20.80
C ASP A 94 38.45 -24.79 -20.60
N LYS A 95 38.11 -26.03 -20.95
CA LYS A 95 38.97 -27.19 -20.70
C LYS A 95 39.76 -27.65 -21.92
N ARG A 96 39.28 -27.40 -23.14
CA ARG A 96 40.12 -27.63 -24.32
C ARG A 96 41.22 -26.58 -24.39
N LEU A 97 40.98 -25.40 -23.83
CA LEU A 97 41.96 -24.32 -23.83
C LEU A 97 43.10 -24.60 -22.86
N LYS A 98 44.33 -24.43 -23.34
CA LYS A 98 45.52 -24.58 -22.52
C LYS A 98 46.04 -23.21 -22.08
N THR A 101 46.13 -16.84 -17.63
CA THR A 101 44.93 -16.01 -17.74
C THR A 101 43.67 -16.87 -17.85
N ASP A 102 42.75 -16.71 -16.90
CA ASP A 102 41.49 -17.47 -16.93
C ASP A 102 40.28 -16.57 -17.10
N GLU A 103 40.02 -15.66 -16.17
CA GLU A 103 38.77 -14.90 -16.15
C GLU A 103 38.76 -13.87 -15.02
N ASP A 110 30.15 -12.41 -20.02
CA ASP A 110 31.09 -11.45 -20.59
C ASP A 110 32.26 -12.20 -21.22
N GLN A 111 33.50 -11.83 -20.88
CA GLN A 111 34.67 -12.49 -21.46
C GLN A 111 34.57 -12.48 -22.99
N LYS A 112 34.83 -11.32 -23.58
CA LYS A 112 35.20 -11.21 -24.98
C LYS A 112 36.02 -12.41 -25.48
N VAL A 113 36.99 -12.88 -24.71
CA VAL A 113 37.96 -13.79 -25.28
C VAL A 113 37.33 -15.14 -25.62
N TYR A 114 36.56 -15.73 -24.70
CA TYR A 114 35.90 -17.01 -25.00
C TYR A 114 34.93 -16.87 -26.18
N ALA A 115 34.26 -15.72 -26.29
CA ALA A 115 33.46 -15.42 -27.48
C ALA A 115 34.30 -15.55 -28.75
N ASP A 116 35.56 -15.09 -28.70
CA ASP A 116 36.37 -15.05 -29.92
C ASP A 116 36.95 -16.42 -30.28
N ILE A 117 37.29 -17.24 -29.29
CA ILE A 117 37.58 -18.64 -29.55
C ILE A 117 36.35 -19.32 -30.17
N PHE A 118 35.14 -18.89 -29.79
CA PHE A 118 33.98 -19.54 -30.38
C PHE A 118 33.82 -19.16 -31.84
N GLU A 119 34.14 -17.91 -32.19
CA GLU A 119 34.12 -17.51 -33.59
C GLU A 119 35.20 -18.25 -34.38
N ALA A 120 36.42 -18.32 -33.85
CA ALA A 120 37.45 -19.11 -34.49
C ALA A 120 36.98 -20.52 -34.73
N TYR A 121 36.16 -21.05 -33.81
CA TYR A 121 35.70 -22.43 -33.94
C TYR A 121 34.74 -22.59 -35.12
N ILE A 122 33.70 -21.75 -35.17
CA ILE A 122 32.78 -21.75 -36.31
C ILE A 122 33.55 -21.63 -37.61
N GLY A 123 34.68 -20.92 -37.60
CA GLY A 123 35.48 -20.71 -38.79
C GLY A 123 36.22 -21.98 -39.18
N ALA A 124 36.82 -22.62 -38.18
CA ALA A 124 37.39 -23.95 -38.36
C ALA A 124 36.38 -24.92 -38.98
N LEU A 125 35.21 -25.07 -38.33
CA LEU A 125 34.12 -25.87 -38.90
C LEU A 125 33.93 -25.61 -40.39
N SER A 126 33.99 -24.33 -40.80
CA SER A 126 33.67 -23.92 -42.16
C SER A 126 34.77 -24.27 -43.15
N VAL A 127 36.01 -23.93 -42.81
CA VAL A 127 37.15 -24.26 -43.65
C VAL A 127 37.17 -25.75 -43.94
N GLU A 128 37.20 -26.55 -42.87
CA GLU A 128 37.19 -28.01 -42.98
C GLU A 128 36.05 -28.55 -43.84
N ARG A 129 35.03 -27.75 -44.17
CA ARG A 129 34.00 -28.25 -45.07
C ARG A 129 33.83 -27.30 -46.25
N GLY A 130 34.90 -26.61 -46.60
CA GLY A 130 34.92 -25.89 -47.88
C GLY A 130 33.90 -24.80 -47.99
N LEU A 131 33.57 -24.14 -46.89
CA LEU A 131 32.72 -22.97 -46.90
C LEU A 131 31.32 -23.27 -47.43
N ASP A 132 30.87 -24.53 -47.33
CA ASP A 132 29.46 -24.88 -47.48
C ASP A 132 28.80 -24.81 -46.09
N LEU A 133 27.97 -23.80 -45.86
CA LEU A 133 27.54 -23.48 -44.51
C LEU A 133 26.20 -24.11 -44.14
N ARG A 134 25.52 -24.79 -45.06
CA ARG A 134 24.17 -25.28 -44.80
C ARG A 134 24.12 -26.20 -43.59
N GLU A 135 25.20 -26.89 -43.27
CA GLU A 135 25.15 -27.89 -42.21
C GLU A 135 25.58 -27.34 -40.85
N ILE A 136 26.09 -26.12 -40.80
CA ILE A 136 26.23 -25.44 -39.50
C ILE A 136 24.95 -24.66 -39.16
N LYS A 137 24.25 -24.15 -40.17
CA LYS A 137 22.93 -23.56 -39.93
C LYS A 137 22.03 -24.53 -39.18
N ASP A 138 22.02 -25.80 -39.61
CA ASP A 138 21.24 -26.82 -38.92
C ASP A 138 21.73 -27.00 -37.48
N TRP A 139 23.04 -27.12 -37.31
CA TRP A 139 23.57 -27.17 -35.95
C TRP A 139 23.12 -25.94 -35.16
N LEU A 140 23.40 -24.76 -35.69
CA LEU A 140 23.06 -23.52 -35.00
C LEU A 140 21.56 -23.45 -34.68
N GLU A 141 20.72 -23.93 -35.60
CA GLU A 141 19.27 -23.89 -35.36
C GLU A 141 18.91 -24.75 -34.15
N LYS A 142 19.43 -25.97 -34.09
CA LYS A 142 19.35 -26.75 -32.86
C LYS A 142 19.89 -25.94 -31.69
N LEU A 143 21.08 -25.38 -31.84
CA LEU A 143 21.76 -24.79 -30.69
C LEU A 143 21.03 -23.56 -30.16
N TYR A 144 20.38 -22.79 -31.03
CA TYR A 144 19.61 -21.62 -30.63
C TYR A 144 18.14 -21.91 -30.35
N ALA A 145 17.66 -23.13 -30.58
CA ALA A 145 16.24 -23.43 -30.45
C ALA A 145 15.64 -22.94 -29.13
N PRO A 146 16.31 -23.11 -27.97
CA PRO A 146 15.77 -22.54 -26.75
C PRO A 146 15.56 -21.03 -26.83
N LYS A 147 16.60 -20.25 -27.11
CA LYS A 147 16.48 -18.79 -27.02
C LYS A 147 15.53 -18.24 -28.06
N LEU A 148 15.38 -18.93 -29.19
CA LEU A 148 14.49 -18.42 -30.23
C LEU A 148 13.04 -18.59 -29.86
N GLU A 149 12.71 -19.64 -29.08
CA GLU A 149 11.37 -19.76 -28.54
C GLU A 149 11.09 -18.67 -27.51
N ALA A 150 12.07 -18.39 -26.65
CA ALA A 150 11.91 -17.32 -25.67
C ALA A 150 11.57 -15.99 -26.34
N PHE A 151 12.15 -15.72 -27.52
CA PHE A 151 11.91 -14.43 -28.14
C PHE A 151 10.53 -14.37 -28.78
N LYS A 152 10.14 -15.52 -29.33
CA LYS A 152 8.84 -15.67 -30.04
C LYS A 152 7.74 -15.90 -29.03
N VAL A 153 8.06 -15.93 -27.73
CA VAL A 153 7.02 -16.20 -26.68
C VAL A 153 5.89 -15.17 -26.74
N ASN A 154 6.23 -13.92 -27.04
CA ASN A 154 5.30 -12.78 -27.16
C ASN A 154 6.06 -11.49 -26.92
N PHE A 155 7.36 -11.62 -26.61
CA PHE A 155 8.20 -10.46 -26.27
C PHE A 155 9.67 -10.83 -26.31
N LEU A 156 10.46 -9.83 -26.67
CA LEU A 156 11.90 -9.83 -26.50
C LEU A 156 12.26 -9.02 -25.26
N GLN A 157 11.90 -7.74 -25.25
CA GLN A 157 12.23 -6.80 -24.16
C GLN A 157 11.00 -6.00 -23.76
N GLU A 158 9.89 -6.71 -23.48
CA GLU A 158 8.61 -6.09 -23.20
C GLU A 158 8.21 -6.27 -21.74
N SER A 159 7.37 -5.36 -21.26
CA SER A 159 6.77 -5.52 -19.94
C SER A 159 5.51 -6.36 -20.03
N VAL A 160 4.91 -6.62 -18.88
CA VAL A 160 3.61 -7.24 -18.78
C VAL A 160 2.72 -6.35 -17.92
N ASN A 161 1.49 -6.77 -17.72
CA ASN A 161 0.62 -6.03 -16.82
C ASN A 161 1.19 -6.15 -15.40
N LYS A 162 0.51 -5.57 -14.43
CA LYS A 162 1.22 -5.37 -13.18
C LYS A 162 0.24 -5.38 -12.00
N GLU A 163 0.71 -4.82 -10.90
CA GLU A 163 0.04 -4.61 -9.62
C GLU A 163 -0.06 -3.10 -9.39
N ALA A 164 -0.29 -2.39 -10.49
CA ALA A 164 -0.01 -0.95 -10.57
C ALA A 164 -1.02 -0.11 -9.80
N LYS A 165 -2.32 -0.41 -9.90
CA LYS A 165 -3.32 0.41 -9.22
C LYS A 165 -3.00 0.56 -7.74
N SER A 166 -2.49 -0.49 -7.11
CA SER A 166 -2.28 -0.39 -5.68
C SER A 166 -0.99 0.31 -5.33
N GLU A 167 0.06 0.14 -6.13
CA GLU A 167 1.31 0.81 -5.78
C GLU A 167 1.23 2.31 -6.08
N LEU A 168 0.56 2.70 -7.17
CA LEU A 168 0.28 4.10 -7.39
C LEU A 168 -0.52 4.67 -6.24
N TYR A 169 -1.52 3.91 -5.77
CA TYR A 169 -2.27 4.33 -4.60
C TYR A 169 -1.36 4.59 -3.41
N SER A 170 -0.29 3.81 -3.28
CA SER A 170 0.55 3.91 -2.10
C SER A 170 1.33 5.22 -2.04
N ILE A 171 1.39 5.99 -3.13
CA ILE A 171 2.21 7.18 -3.15
C ILE A 171 1.38 8.41 -2.85
N VAL A 172 0.13 8.40 -3.32
CA VAL A 172 -0.64 9.64 -3.40
C VAL A 172 -2.06 9.47 -2.86
N GLY A 173 -2.40 8.26 -2.42
CA GLY A 173 -3.78 7.87 -2.19
C GLY A 173 -4.12 7.63 -0.73
N THR A 174 -5.16 8.31 -0.27
CA THR A 174 -5.90 8.03 0.94
C THR A 174 -7.27 7.51 0.55
N ALA A 175 -7.94 6.82 1.49
CA ALA A 175 -9.36 6.56 1.26
C ALA A 175 -10.09 7.86 1.03
N SER A 176 -9.64 8.92 1.72
CA SER A 176 -10.30 10.20 1.65
C SER A 176 -10.20 10.80 0.25
N SER A 177 -9.02 10.69 -0.40
CA SER A 177 -8.86 11.09 -1.80
C SER A 177 -7.85 10.20 -2.53
N HIS A 178 -8.27 9.56 -3.63
CA HIS A 178 -7.46 8.59 -4.31
C HIS A 178 -7.78 8.62 -5.82
N PRO A 179 -6.97 7.97 -6.65
CA PRO A 179 -7.20 8.08 -8.10
C PRO A 179 -8.27 7.13 -8.60
N LEU A 180 -8.95 7.57 -9.66
CA LEU A 180 -10.05 6.83 -10.27
C LEU A 180 -9.72 6.50 -11.72
N TYR A 181 -9.96 5.26 -12.11
CA TYR A 181 -9.71 4.80 -13.47
C TYR A 181 -11.04 4.84 -14.21
N VAL A 182 -11.26 5.93 -14.95
CA VAL A 182 -12.50 6.17 -15.69
C VAL A 182 -12.30 5.71 -17.12
N VAL A 183 -13.31 5.04 -17.66
CA VAL A 183 -13.31 4.60 -19.05
C VAL A 183 -13.61 5.78 -19.95
N VAL A 184 -12.72 6.06 -20.90
CA VAL A 184 -12.89 7.19 -21.81
C VAL A 184 -13.25 6.75 -23.23
N GLU A 185 -13.17 5.46 -23.54
CA GLU A 185 -13.82 4.87 -24.70
C GLU A 185 -14.03 3.39 -24.39
N GLU A 186 -15.07 2.80 -24.98
CA GLU A 186 -15.35 1.40 -24.71
C GLU A 186 -15.29 0.56 -25.99
N GLY A 187 -14.90 -0.71 -25.80
CA GLY A 187 -14.40 -1.58 -26.84
C GLY A 187 -14.96 -2.99 -26.95
N ASN A 188 -16.27 -3.19 -26.84
CA ASN A 188 -16.83 -4.54 -26.82
C ASN A 188 -16.60 -5.16 -28.20
N GLY A 189 -15.39 -5.69 -28.39
CA GLY A 189 -15.00 -6.39 -29.60
C GLY A 189 -14.62 -5.50 -30.76
N SER A 190 -15.44 -4.48 -31.01
CA SER A 190 -15.29 -3.65 -32.21
C SER A 190 -13.95 -2.92 -32.19
N HIS A 191 -13.78 -2.02 -31.23
CA HIS A 191 -12.54 -1.32 -30.95
C HIS A 191 -12.10 -1.78 -29.56
N ASP A 192 -11.18 -1.06 -28.96
CA ASP A 192 -10.70 -1.50 -27.66
C ASP A 192 -10.69 -0.37 -26.63
N PHE A 193 -10.73 -0.77 -25.35
CA PHE A 193 -10.86 0.18 -24.23
C PHE A 193 -9.70 1.16 -24.17
N VAL A 194 -10.00 2.38 -23.76
CA VAL A 194 -9.00 3.31 -23.25
C VAL A 194 -9.54 3.84 -21.94
N VAL A 195 -8.72 3.79 -20.88
CA VAL A 195 -9.10 4.29 -19.58
C VAL A 195 -8.05 5.28 -19.10
N GLU A 196 -8.49 6.39 -18.54
CA GLU A 196 -7.60 7.38 -17.97
C GLU A 196 -7.52 7.19 -16.45
N CYS A 197 -6.40 7.59 -15.88
CA CYS A 197 -6.20 7.56 -14.44
C CYS A 197 -6.31 9.01 -13.96
N ARG A 198 -7.48 9.38 -13.45
CA ARG A 198 -7.76 10.77 -13.09
C ARG A 198 -7.67 10.94 -11.57
N MET A 199 -6.98 11.99 -11.15
CA MET A 199 -7.01 12.46 -9.78
C MET A 199 -6.96 13.97 -9.75
N GLY A 200 -7.79 14.56 -8.90
CA GLY A 200 -7.93 16.01 -8.93
C GLY A 200 -8.49 16.42 -10.27
N ASN A 201 -7.90 17.46 -10.84
CA ASN A 201 -8.20 17.86 -12.20
C ASN A 201 -7.33 17.13 -13.23
N ASP A 202 -6.30 16.42 -12.77
CA ASP A 202 -5.21 15.96 -13.63
C ASP A 202 -5.39 14.48 -13.93
N VAL A 203 -5.27 14.11 -15.21
CA VAL A 203 -5.17 12.71 -15.60
C VAL A 203 -3.70 12.30 -15.54
N LEU A 204 -3.38 11.36 -14.64
CA LEU A 204 -2.01 10.94 -14.39
C LEU A 204 -1.46 10.03 -15.48
N GLY A 205 -2.34 9.25 -16.13
CA GLY A 205 -1.91 8.29 -17.12
C GLY A 205 -3.09 7.64 -17.80
N ARG A 206 -2.99 7.36 -19.11
CA ARG A 206 -4.02 6.64 -19.84
C ARG A 206 -3.38 5.48 -20.60
N ALA A 207 -4.21 4.50 -20.95
CA ALA A 207 -3.73 3.32 -21.65
C ALA A 207 -4.90 2.67 -22.37
N LYS A 208 -4.55 1.91 -23.41
CA LYS A 208 -5.49 1.03 -24.10
C LYS A 208 -4.96 -0.39 -24.04
N ALA A 209 -5.86 -1.33 -23.77
CA ALA A 209 -5.51 -2.74 -23.69
C ALA A 209 -6.80 -3.55 -23.80
N PRO A 210 -6.72 -4.80 -24.31
CA PRO A 210 -7.95 -5.56 -24.61
C PRO A 210 -9.04 -5.55 -23.53
N SER A 211 -8.67 -5.43 -22.26
CA SER A 211 -9.57 -5.51 -21.11
C SER A 211 -9.85 -4.11 -20.57
N GLN A 212 -10.79 -4.04 -19.61
CA GLN A 212 -10.89 -2.85 -18.78
C GLN A 212 -9.92 -2.92 -17.61
N LYS A 213 -9.67 -4.13 -17.09
CA LYS A 213 -8.63 -4.31 -16.08
C LYS A 213 -7.26 -4.03 -16.68
N GLU A 214 -6.91 -4.71 -17.77
CA GLU A 214 -5.59 -4.52 -18.38
C GLU A 214 -5.37 -3.07 -18.76
N ALA A 215 -6.38 -2.41 -19.33
CA ALA A 215 -6.23 -0.98 -19.61
C ALA A 215 -6.05 -0.18 -18.33
N GLY A 216 -6.83 -0.51 -17.29
CA GLY A 216 -6.74 0.23 -16.05
C GLY A 216 -5.40 0.04 -15.37
N LEU A 217 -4.89 -1.19 -15.34
CA LEU A 217 -3.57 -1.43 -14.78
C LEU A 217 -2.50 -0.70 -15.58
N ARG A 218 -2.51 -0.83 -16.91
CA ARG A 218 -1.50 -0.16 -17.72
C ARG A 218 -1.58 1.35 -17.57
N ALA A 219 -2.79 1.89 -17.40
CA ALA A 219 -2.96 3.33 -17.19
C ALA A 219 -2.33 3.79 -15.90
N ALA A 220 -2.25 2.91 -14.89
CA ALA A 220 -1.52 3.25 -13.68
C ALA A 220 -0.02 3.09 -13.86
N MET A 221 0.38 2.09 -14.65
CA MET A 221 1.80 1.90 -14.97
C MET A 221 2.35 3.10 -15.72
N ASP A 222 1.56 3.65 -16.64
CA ASP A 222 1.98 4.86 -17.34
C ASP A 222 2.18 6.00 -16.36
N ALA A 223 1.26 6.18 -15.44
CA ALA A 223 1.43 7.23 -14.44
C ALA A 223 2.62 6.94 -13.54
N LEU A 224 2.88 5.67 -13.25
CA LEU A 224 4.01 5.35 -12.41
C LEU A 224 5.34 5.55 -13.13
N LYS A 225 5.37 5.38 -14.46
CA LYS A 225 6.67 5.60 -15.10
C LYS A 225 7.12 7.06 -14.98
N ASN A 226 6.21 7.89 -14.48
CA ASN A 226 6.53 9.33 -14.31
C ASN A 226 6.14 9.74 -12.90
N ARG A 227 7.02 9.48 -11.94
CA ARG A 227 6.75 9.90 -10.55
C ARG A 227 7.40 11.28 -10.36
N GLN A 228 6.89 12.29 -11.06
CA GLN A 228 7.43 13.66 -10.90
C GLN A 228 7.12 14.06 -9.47
N LEU A 229 5.81 14.17 -9.17
CA LEU A 229 5.34 14.51 -7.80
C LEU A 229 3.84 14.22 -7.72
N LEU A 230 3.04 15.26 -7.49
CA LEU A 230 1.57 15.17 -7.36
C LEU A 230 1.21 14.14 -6.29
N LYS B 1 -11.26 19.33 11.16
CA LYS B 1 -10.67 18.52 10.10
C LYS B 1 -11.75 17.89 9.18
N HIS B 2 -12.19 16.64 9.48
CA HIS B 2 -13.25 15.89 8.79
C HIS B 2 -13.02 15.70 7.28
N PRO B 3 -12.23 14.70 6.89
CA PRO B 3 -12.02 14.42 5.44
C PRO B 3 -13.30 14.18 4.67
N PRO B 4 -13.24 14.30 3.35
CA PRO B 4 -14.43 14.07 2.53
C PRO B 4 -14.80 12.61 2.46
N LEU B 5 -16.07 12.37 2.27
CA LEU B 5 -16.56 11.02 2.32
C LEU B 5 -15.86 10.18 1.27
N PRO B 6 -15.42 8.97 1.59
CA PRO B 6 -14.88 8.08 0.57
C PRO B 6 -15.97 7.63 -0.39
N PHE B 7 -15.57 7.42 -1.65
CA PHE B 7 -16.54 7.07 -2.69
C PHE B 7 -16.80 5.57 -2.72
N ILE B 8 -18.06 5.21 -2.91
CA ILE B 8 -18.43 3.83 -3.23
C ILE B 8 -18.54 3.77 -4.76
N LYS B 9 -17.52 3.21 -5.41
CA LYS B 9 -17.47 3.23 -6.86
C LYS B 9 -18.58 2.38 -7.48
N ASP B 10 -18.77 1.15 -6.99
CA ASP B 10 -19.83 0.29 -7.52
C ASP B 10 -21.22 0.84 -7.27
N GLN B 11 -21.87 1.32 -8.34
CA GLN B 11 -23.12 2.05 -8.20
C GLN B 11 -24.21 1.22 -7.57
N THR B 12 -24.18 -0.11 -7.73
CA THR B 12 -25.20 -0.92 -7.09
C THR B 12 -24.88 -1.20 -5.62
N LEU B 13 -23.60 -1.22 -5.24
CA LEU B 13 -23.28 -1.23 -3.81
C LEU B 13 -23.76 0.05 -3.15
N TYR B 14 -23.47 1.20 -3.77
CA TYR B 14 -24.04 2.46 -3.34
C TYR B 14 -25.56 2.35 -3.23
N GLU B 15 -26.19 1.71 -4.23
CA GLU B 15 -27.64 1.69 -4.26
C GLU B 15 -28.21 0.78 -3.18
N ARG B 16 -27.49 -0.30 -2.86
CA ARG B 16 -27.85 -1.14 -1.71
C ARG B 16 -27.89 -0.32 -0.43
N VAL B 17 -26.93 0.60 -0.29
CA VAL B 17 -26.74 1.32 0.96
C VAL B 17 -27.71 2.50 1.09
N PHE B 18 -28.14 3.11 -0.02
CA PHE B 18 -28.89 4.36 0.04
C PHE B 18 -30.26 4.28 -0.63
N VAL B 19 -30.82 3.09 -0.78
CA VAL B 19 -32.21 3.01 -1.23
C VAL B 19 -33.07 2.19 -0.28
N ASN B 37 -37.50 0.24 3.95
CA ASN B 37 -37.46 0.92 5.27
C ASN B 37 -36.01 0.94 5.78
N SER B 38 -35.04 1.04 4.87
CA SER B 38 -33.60 1.07 5.24
C SER B 38 -33.28 -0.11 6.17
N HIS B 39 -33.46 -1.33 5.66
CA HIS B 39 -33.24 -2.57 6.43
C HIS B 39 -32.01 -3.29 5.91
N ASN B 40 -31.38 -2.79 4.84
CA ASN B 40 -30.26 -3.47 4.14
C ASN B 40 -29.27 -4.00 5.17
N GLU B 41 -29.33 -5.30 5.47
CA GLU B 41 -28.44 -5.90 6.44
C GLU B 41 -27.35 -6.65 5.68
N ARG B 42 -26.46 -7.30 6.44
CA ARG B 42 -25.27 -7.99 5.94
C ARG B 42 -24.17 -7.00 5.54
N LEU B 43 -24.51 -5.75 5.26
CA LEU B 43 -23.53 -4.68 5.12
C LEU B 43 -23.46 -3.87 6.40
N GLU B 44 -24.62 -3.43 6.90
CA GLU B 44 -24.80 -3.06 8.30
C GLU B 44 -24.05 -4.02 9.20
N PHE B 45 -24.31 -5.32 9.04
CA PHE B 45 -23.69 -6.30 9.93
C PHE B 45 -22.18 -6.23 9.84
N LEU B 46 -21.64 -6.13 8.62
CA LEU B 46 -20.19 -6.07 8.47
C LEU B 46 -19.66 -4.72 8.95
N GLY B 47 -20.34 -3.62 8.62
CA GLY B 47 -19.85 -2.31 8.98
C GLY B 47 -19.82 -2.08 10.48
N ASP B 48 -20.93 -2.38 11.15
CA ASP B 48 -21.01 -2.38 12.60
C ASP B 48 -19.74 -2.96 13.21
N SER B 49 -19.41 -4.18 12.78
CA SER B 49 -18.24 -4.89 13.31
C SER B 49 -16.95 -4.13 13.01
N VAL B 50 -16.73 -3.84 11.71
CA VAL B 50 -15.58 -3.07 11.28
C VAL B 50 -15.43 -1.77 12.07
N LEU B 51 -16.57 -1.11 12.32
CA LEU B 51 -16.55 0.15 13.07
C LEU B 51 -16.23 -0.09 14.55
N ASN B 52 -16.60 -1.25 15.09
CA ASN B 52 -16.24 -1.50 16.48
C ASN B 52 -14.77 -1.78 16.62
N ASN B 53 -14.23 -2.59 15.73
CA ASN B 53 -12.85 -3.00 15.90
C ASN B 53 -11.89 -1.84 15.60
N LEU B 54 -12.15 -1.08 14.51
CA LEU B 54 -11.24 0.01 14.17
C LEU B 54 -11.23 1.10 15.25
N VAL B 55 -12.39 1.46 15.79
CA VAL B 55 -12.41 2.40 16.91
C VAL B 55 -11.66 1.81 18.10
N THR B 56 -11.91 0.53 18.40
CA THR B 56 -11.21 -0.13 19.50
C THR B 56 -9.70 0.06 19.39
N LEU B 57 -9.13 -0.38 18.26
CA LEU B 57 -7.70 -0.20 18.03
C LEU B 57 -7.30 1.27 18.17
N ILE B 58 -8.10 2.18 17.60
CA ILE B 58 -7.69 3.57 17.57
C ILE B 58 -7.55 4.10 18.98
N ILE B 59 -8.55 3.87 19.83
CA ILE B 59 -8.48 4.44 21.16
C ILE B 59 -7.53 3.65 22.06
N TYR B 60 -7.59 2.31 21.97
CA TYR B 60 -6.59 1.47 22.62
C TYR B 60 -5.20 2.03 22.42
N ASP B 61 -4.88 2.37 21.18
CA ASP B 61 -3.51 2.78 20.85
C ASP B 61 -3.18 4.18 21.37
N LYS B 62 -4.17 5.04 21.61
CA LYS B 62 -3.88 6.42 22.00
C LYS B 62 -4.15 6.70 23.48
N PHE B 63 -4.57 5.71 24.25
CA PHE B 63 -4.85 5.90 25.68
C PHE B 63 -4.15 4.80 26.46
N PRO B 64 -2.81 4.87 26.52
CA PRO B 64 -2.04 3.74 27.09
C PRO B 64 -2.30 3.51 28.56
N SER B 65 -2.72 4.52 29.31
CA SER B 65 -2.98 4.30 30.73
C SER B 65 -4.46 4.09 31.03
N ALA B 66 -5.31 4.13 30.01
CA ALA B 66 -6.73 3.85 30.20
C ALA B 66 -6.95 2.37 30.48
N SER B 67 -7.79 2.11 31.47
CA SER B 67 -8.19 0.77 31.87
C SER B 67 -9.23 0.21 30.90
N GLU B 68 -9.48 -1.10 31.03
CA GLU B 68 -10.54 -1.69 30.23
C GLU B 68 -11.88 -0.98 30.43
N GLY B 69 -12.11 -0.41 31.61
CA GLY B 69 -13.36 0.26 31.91
C GLY B 69 -13.57 1.54 31.12
N LYS B 70 -12.67 2.51 31.28
CA LYS B 70 -12.88 3.74 30.57
C LYS B 70 -12.76 3.53 29.07
N LEU B 71 -11.92 2.59 28.65
CA LEU B 71 -11.88 2.27 27.23
C LEU B 71 -13.25 1.84 26.74
N THR B 72 -13.92 0.94 27.47
CA THR B 72 -15.24 0.46 27.05
C THR B 72 -16.23 1.61 27.00
N LYS B 73 -16.18 2.52 27.97
CA LYS B 73 -17.06 3.69 27.93
C LYS B 73 -16.75 4.59 26.75
N MET B 74 -15.46 4.86 26.49
CA MET B 74 -15.07 5.71 25.36
C MET B 74 -15.59 5.16 24.04
N ARG B 75 -15.41 3.87 23.82
CA ARG B 75 -15.76 3.26 22.54
C ARG B 75 -17.26 3.33 22.31
N SER B 76 -18.05 3.08 23.35
CA SER B 76 -19.50 3.09 23.18
C SER B 76 -20.04 4.48 22.90
N GLN B 77 -19.41 5.51 23.45
CA GLN B 77 -19.76 6.87 23.08
C GLN B 77 -19.32 7.23 21.67
N LEU B 78 -18.23 6.64 21.15
CA LEU B 78 -17.79 6.99 19.82
C LEU B 78 -18.54 6.24 18.73
N ILE B 79 -19.27 5.20 19.07
CA ILE B 79 -19.98 4.43 18.05
C ILE B 79 -21.45 4.30 18.41
N ASP B 80 -21.99 5.26 19.17
CA ASP B 80 -23.42 5.24 19.45
C ASP B 80 -24.18 6.00 18.37
N ASN B 81 -25.50 5.82 18.34
CA ASN B 81 -26.28 6.38 17.26
C ASN B 81 -26.11 7.88 17.14
N HIS B 82 -25.92 8.60 18.25
CA HIS B 82 -25.73 10.04 18.19
C HIS B 82 -24.50 10.40 17.36
N THR B 83 -23.35 9.81 17.72
CA THR B 83 -22.11 10.09 17.02
C THR B 83 -22.22 9.74 15.54
N LEU B 84 -22.74 8.56 15.25
CA LEU B 84 -22.82 8.11 13.87
C LEU B 84 -23.89 8.87 13.10
N THR B 85 -24.90 9.41 13.79
CA THR B 85 -25.89 10.28 13.15
C THR B 85 -25.29 11.63 12.79
N GLN B 86 -24.41 12.17 13.64
CA GLN B 86 -23.80 13.47 13.33
C GLN B 86 -22.88 13.37 12.12
N PHE B 87 -22.16 12.26 11.99
CA PHE B 87 -21.34 12.05 10.79
C PHE B 87 -22.22 12.02 9.54
N SER B 88 -23.30 11.27 9.58
CA SER B 88 -24.10 11.09 8.37
C SER B 88 -24.73 12.39 7.90
N PHE B 89 -25.18 13.21 8.85
CA PHE B 89 -25.57 14.58 8.49
C PHE B 89 -24.40 15.34 7.90
N GLU B 90 -23.25 15.35 8.60
CA GLU B 90 -22.09 16.05 8.09
C GLU B 90 -21.77 15.64 6.66
N TYR B 91 -22.03 14.39 6.31
CA TYR B 91 -21.84 13.90 4.95
C TYR B 91 -23.12 13.90 4.13
N GLY B 92 -24.15 14.63 4.57
CA GLY B 92 -25.39 14.72 3.80
C GLY B 92 -26.02 13.38 3.46
N PHE B 93 -26.04 12.45 4.41
CA PHE B 93 -26.75 11.21 4.10
C PHE B 93 -28.22 11.49 3.87
N ASP B 94 -28.76 12.50 4.56
CA ASP B 94 -30.17 12.83 4.40
C ASP B 94 -30.45 13.22 2.96
N LYS B 95 -29.56 14.02 2.37
CA LYS B 95 -29.69 14.37 0.97
C LYS B 95 -29.40 13.19 0.05
N ARG B 96 -28.57 12.25 0.50
CA ARG B 96 -28.28 11.08 -0.34
C ARG B 96 -29.37 10.03 -0.29
N LEU B 97 -30.26 10.07 0.69
CA LEU B 97 -31.23 9.01 0.90
C LEU B 97 -32.47 9.21 0.04
N LYS B 98 -32.91 8.13 -0.60
CA LYS B 98 -34.09 8.15 -1.45
C LYS B 98 -35.16 7.23 -0.87
N ASP B 110 -29.69 10.12 19.36
CA ASP B 110 -30.30 10.44 18.09
C ASP B 110 -30.71 9.17 17.29
N GLN B 111 -31.10 9.35 16.02
CA GLN B 111 -31.81 8.29 15.29
C GLN B 111 -31.00 7.01 15.20
N LYS B 112 -31.72 5.87 15.23
CA LYS B 112 -31.12 4.57 14.90
C LYS B 112 -31.03 4.34 13.39
N VAL B 113 -31.80 5.05 12.58
CA VAL B 113 -31.79 4.81 11.14
C VAL B 113 -30.49 5.30 10.51
N TYR B 114 -30.18 6.60 10.64
CA TYR B 114 -28.94 7.12 10.07
C TYR B 114 -27.73 6.36 10.59
N ALA B 115 -27.72 6.04 11.89
CA ALA B 115 -26.69 5.17 12.44
C ALA B 115 -26.51 3.94 11.57
N ASP B 116 -27.60 3.22 11.31
CA ASP B 116 -27.50 1.97 10.55
C ASP B 116 -27.01 2.22 9.12
N ILE B 117 -27.54 3.25 8.44
CA ILE B 117 -27.09 3.56 7.08
C ILE B 117 -25.57 3.68 7.05
N PHE B 118 -25.05 4.53 7.94
CA PHE B 118 -23.60 4.73 8.06
C PHE B 118 -22.87 3.40 8.23
N GLU B 119 -23.36 2.54 9.12
CA GLU B 119 -22.72 1.25 9.34
C GLU B 119 -22.68 0.43 8.05
N ALA B 120 -23.81 0.37 7.33
CA ALA B 120 -23.77 -0.27 6.01
C ALA B 120 -22.73 0.40 5.11
N TYR B 121 -22.73 1.73 5.06
CA TYR B 121 -21.77 2.45 4.26
C TYR B 121 -20.33 2.00 4.55
N ILE B 122 -19.95 2.01 5.83
CA ILE B 122 -18.67 1.46 6.23
C ILE B 122 -18.56 0.00 5.78
N GLY B 123 -19.65 -0.77 5.93
CA GLY B 123 -19.67 -2.10 5.37
C GLY B 123 -19.35 -2.08 3.88
N ALA B 124 -20.06 -1.24 3.13
CA ALA B 124 -19.79 -1.15 1.70
C ALA B 124 -18.35 -0.76 1.43
N LEU B 125 -17.84 0.24 2.16
CA LEU B 125 -16.43 0.58 2.07
C LEU B 125 -15.52 -0.61 2.39
N SER B 126 -16.00 -1.56 3.19
CA SER B 126 -15.20 -2.73 3.48
C SER B 126 -15.25 -3.76 2.35
N VAL B 127 -16.46 -4.06 1.85
CA VAL B 127 -16.60 -4.79 0.59
C VAL B 127 -15.64 -4.22 -0.44
N GLU B 128 -15.78 -2.92 -0.72
CA GLU B 128 -15.16 -2.32 -1.88
C GLU B 128 -13.65 -2.37 -1.82
N ARG B 129 -13.09 -2.75 -0.67
CA ARG B 129 -11.65 -2.82 -0.45
C ARG B 129 -11.16 -4.20 -0.10
N GLY B 130 -12.00 -5.23 -0.27
CA GLY B 130 -11.56 -6.60 -0.04
C GLY B 130 -11.42 -7.00 1.41
N LEU B 131 -12.13 -6.35 2.33
CA LEU B 131 -12.03 -6.63 3.75
C LEU B 131 -10.58 -6.51 4.22
N ASP B 132 -9.97 -5.36 3.91
CA ASP B 132 -8.67 -5.00 4.47
C ASP B 132 -8.77 -4.05 5.64
N LEU B 133 -9.59 -3.00 5.52
CA LEU B 133 -9.92 -2.10 6.62
C LEU B 133 -8.77 -1.17 7.02
N ARG B 134 -7.55 -1.39 6.51
CA ARG B 134 -6.43 -0.53 6.90
C ARG B 134 -6.52 0.85 6.26
N GLU B 135 -6.88 0.92 4.99
CA GLU B 135 -7.12 2.26 4.44
C GLU B 135 -8.29 2.92 5.16
N ILE B 136 -9.21 2.11 5.73
CA ILE B 136 -10.39 2.65 6.38
C ILE B 136 -10.06 3.17 7.76
N LYS B 137 -9.29 2.40 8.54
CA LYS B 137 -8.72 2.91 9.79
C LYS B 137 -8.07 4.28 9.62
N ASP B 138 -7.34 4.49 8.53
CA ASP B 138 -6.67 5.77 8.40
C ASP B 138 -7.65 6.89 8.16
N TRP B 139 -8.74 6.61 7.44
CA TRP B 139 -9.79 7.60 7.30
C TRP B 139 -10.47 7.89 8.64
N LEU B 140 -10.70 6.83 9.44
CA LEU B 140 -11.39 6.98 10.72
C LEU B 140 -10.55 7.79 11.69
N GLU B 141 -9.23 7.56 11.65
CA GLU B 141 -8.34 8.30 12.54
C GLU B 141 -8.53 9.78 12.33
N LYS B 142 -8.62 10.21 11.08
CA LYS B 142 -8.87 11.61 10.82
C LYS B 142 -10.27 12.01 11.27
N LEU B 143 -11.27 11.15 11.02
CA LEU B 143 -12.66 11.46 11.36
C LEU B 143 -12.85 11.69 12.86
N TYR B 144 -12.24 10.84 13.69
CA TYR B 144 -12.41 10.89 15.14
C TYR B 144 -11.36 11.71 15.85
N ALA B 145 -10.47 12.38 15.13
CA ALA B 145 -9.34 13.05 15.79
C ALA B 145 -9.78 14.12 16.78
N PRO B 146 -10.58 15.13 16.41
CA PRO B 146 -11.09 16.06 17.43
C PRO B 146 -11.76 15.38 18.62
N LYS B 147 -12.58 14.36 18.38
CA LYS B 147 -13.31 13.74 19.47
C LYS B 147 -12.33 13.13 20.48
N LEU B 148 -11.27 12.48 20.00
CA LEU B 148 -10.29 11.87 20.89
C LEU B 148 -9.55 12.91 21.73
N GLU B 149 -9.19 14.05 21.13
CA GLU B 149 -8.52 15.10 21.90
C GLU B 149 -9.40 15.58 23.05
N ALA B 150 -10.64 16.02 22.74
CA ALA B 150 -11.58 16.36 23.79
C ALA B 150 -11.67 15.30 24.88
N PHE B 151 -11.43 14.03 24.54
CA PHE B 151 -11.41 12.99 25.56
C PHE B 151 -10.09 12.98 26.32
N LYS B 152 -9.00 13.34 25.65
CA LYS B 152 -7.71 13.41 26.32
C LYS B 152 -7.68 14.46 27.42
N VAL B 153 -8.70 15.31 27.52
CA VAL B 153 -8.80 16.28 28.59
C VAL B 153 -9.74 15.78 29.68
N ASN B 154 -11.02 15.54 29.35
CA ASN B 154 -12.06 15.38 30.36
C ASN B 154 -12.85 14.10 30.14
N PHE B 155 -12.16 12.98 29.97
CA PHE B 155 -12.86 11.71 29.78
C PHE B 155 -13.51 11.28 31.08
N LEU B 156 -14.42 12.12 31.59
CA LEU B 156 -15.03 11.96 32.91
C LEU B 156 -16.18 12.94 33.09
N SER B 159 -14.30 17.46 37.32
CA SER B 159 -14.99 18.76 37.33
C SER B 159 -13.98 19.92 37.50
N VAL B 160 -14.46 21.14 37.79
CA VAL B 160 -13.57 22.18 38.30
C VAL B 160 -14.05 22.85 39.59
N ASN B 161 -15.26 23.44 39.55
CA ASN B 161 -16.03 24.08 40.65
C ASN B 161 -15.25 24.93 41.63
N LYS B 162 -14.66 26.04 41.19
CA LYS B 162 -13.78 26.84 42.04
C LYS B 162 -14.59 27.76 42.96
N GLU B 163 -15.82 27.37 43.25
CA GLU B 163 -16.76 28.21 43.98
C GLU B 163 -17.54 27.39 45.01
N ALA B 164 -17.14 26.16 45.26
CA ALA B 164 -17.91 25.31 46.16
C ALA B 164 -17.93 25.88 47.57
N LYS B 165 -16.79 26.40 48.05
CA LYS B 165 -16.73 26.88 49.43
C LYS B 165 -17.81 27.92 49.70
N SER B 166 -18.04 28.83 48.76
CA SER B 166 -19.15 29.77 48.90
C SER B 166 -20.46 29.03 48.97
N GLU B 167 -20.69 28.14 48.00
CA GLU B 167 -21.92 27.34 47.97
C GLU B 167 -22.06 26.51 49.23
N LEU B 168 -20.97 25.87 49.69
CA LEU B 168 -21.07 25.12 50.94
C LEU B 168 -21.49 26.04 52.09
N TYR B 169 -20.75 27.12 52.28
CA TYR B 169 -21.09 28.17 53.26
C TYR B 169 -22.57 28.55 53.21
N SER B 170 -23.05 28.97 52.03
CA SER B 170 -24.39 29.52 51.96
C SER B 170 -25.45 28.55 52.49
N ILE B 171 -25.16 27.23 52.50
CA ILE B 171 -26.14 26.29 53.01
C ILE B 171 -26.14 26.29 54.52
N VAL B 172 -24.96 26.29 55.13
CA VAL B 172 -24.89 26.00 56.55
C VAL B 172 -24.11 27.06 57.31
N GLY B 173 -23.71 28.13 56.64
CA GLY B 173 -22.76 29.09 57.20
C GLY B 173 -23.41 30.38 57.63
N THR B 174 -22.98 30.87 58.79
CA THR B 174 -23.13 32.27 59.18
C THR B 174 -21.81 32.70 59.79
N ALA B 175 -21.51 34.00 59.77
CA ALA B 175 -20.20 34.48 60.23
C ALA B 175 -19.84 33.99 61.62
N SER B 176 -20.81 33.79 62.51
CA SER B 176 -20.47 33.39 63.87
C SER B 176 -19.94 31.97 63.88
N SER B 177 -20.51 31.10 63.05
CA SER B 177 -20.11 29.69 62.99
C SER B 177 -20.32 29.17 61.57
N HIS B 178 -19.24 28.73 60.95
CA HIS B 178 -19.23 28.23 59.57
C HIS B 178 -18.08 27.25 59.43
N PRO B 179 -17.96 26.55 58.27
CA PRO B 179 -16.92 25.50 58.19
C PRO B 179 -15.50 26.06 58.15
N LEU B 180 -14.58 25.33 58.77
CA LEU B 180 -13.16 25.62 58.69
C LEU B 180 -12.48 24.62 57.77
N TYR B 181 -11.59 25.12 56.90
CA TYR B 181 -10.84 24.28 55.97
C TYR B 181 -9.42 24.17 56.50
N VAL B 182 -9.08 23.00 57.05
CA VAL B 182 -7.83 22.82 57.78
C VAL B 182 -6.95 21.80 57.05
N VAL B 183 -5.68 22.14 56.89
CA VAL B 183 -4.69 21.25 56.27
C VAL B 183 -4.22 20.22 57.31
N VAL B 184 -4.45 18.95 57.02
CA VAL B 184 -3.99 17.88 57.90
C VAL B 184 -2.82 17.10 57.30
N GLU B 185 -2.35 17.49 56.11
CA GLU B 185 -1.18 16.89 55.47
C GLU B 185 -0.53 17.95 54.60
N GLU B 186 0.78 18.10 54.71
CA GLU B 186 1.56 19.07 53.96
C GLU B 186 2.61 18.35 53.11
N GLY B 187 3.12 19.05 52.09
CA GLY B 187 4.27 18.57 51.35
C GLY B 187 4.25 18.92 49.87
N ASN B 188 5.34 19.49 49.37
CA ASN B 188 5.38 20.02 48.02
C ASN B 188 6.23 19.15 47.12
N GLY B 189 5.80 19.05 45.86
CA GLY B 189 6.58 18.55 44.72
C GLY B 189 6.79 17.05 44.77
N SER B 190 6.54 16.43 45.92
CA SER B 190 6.61 14.98 46.07
C SER B 190 5.57 14.51 47.10
N HIS B 191 4.47 15.25 47.21
CA HIS B 191 3.49 15.00 48.26
C HIS B 191 2.19 15.70 47.88
N ASP B 192 1.11 15.32 48.58
CA ASP B 192 -0.22 15.86 48.36
C ASP B 192 -0.66 16.70 49.57
N PHE B 193 -1.52 17.69 49.31
CA PHE B 193 -2.21 18.43 50.34
C PHE B 193 -3.50 17.70 50.69
N VAL B 194 -3.79 17.54 51.98
CA VAL B 194 -5.08 17.01 52.41
C VAL B 194 -5.72 18.02 53.33
N VAL B 195 -6.87 18.55 52.93
CA VAL B 195 -7.63 19.42 53.81
C VAL B 195 -8.97 18.76 54.10
N GLU B 196 -9.58 19.16 55.22
CA GLU B 196 -10.94 18.74 55.54
C GLU B 196 -11.75 19.91 56.08
N CYS B 197 -13.02 19.97 55.66
CA CYS B 197 -14.00 20.92 56.20
C CYS B 197 -14.54 20.40 57.52
N ARG B 198 -14.19 21.04 58.62
CA ARG B 198 -14.82 20.73 59.89
C ARG B 198 -15.80 21.83 60.28
N MET B 199 -16.82 21.46 61.05
CA MET B 199 -17.85 22.39 61.51
C MET B 199 -18.59 21.70 62.63
N GLY B 200 -18.70 22.36 63.78
CA GLY B 200 -18.94 21.56 64.98
C GLY B 200 -17.78 20.58 65.13
N ASN B 201 -18.07 19.39 65.66
CA ASN B 201 -17.00 18.44 65.92
C ASN B 201 -16.75 17.50 64.74
N ASP B 202 -17.72 17.33 63.85
CA ASP B 202 -17.59 16.28 62.83
C ASP B 202 -17.07 16.81 61.50
N VAL B 203 -16.60 15.89 60.68
CA VAL B 203 -15.98 16.20 59.39
C VAL B 203 -17.06 16.25 58.33
N LEU B 204 -16.93 17.20 57.40
CA LEU B 204 -17.93 17.38 56.35
C LEU B 204 -17.41 17.02 54.98
N GLY B 205 -16.10 16.89 54.81
CA GLY B 205 -15.54 16.44 53.55
C GLY B 205 -14.05 16.64 53.56
N ARG B 206 -13.31 15.75 52.90
CA ARG B 206 -11.88 15.93 52.78
C ARG B 206 -11.47 15.54 51.37
N ALA B 207 -10.26 15.95 51.00
CA ALA B 207 -9.81 15.86 49.62
C ALA B 207 -8.31 16.07 49.58
N LYS B 208 -7.65 15.47 48.60
CA LYS B 208 -6.22 15.66 48.43
C LYS B 208 -5.93 16.19 47.03
N ALA B 209 -5.08 17.21 46.95
CA ALA B 209 -4.76 17.94 45.72
C ALA B 209 -3.35 18.50 45.83
N PRO B 210 -2.67 18.70 44.69
CA PRO B 210 -1.32 19.27 44.72
C PRO B 210 -1.26 20.73 45.16
N SER B 211 -2.38 21.33 45.57
CA SER B 211 -2.37 22.66 46.12
C SER B 211 -3.40 22.74 47.24
N GLN B 212 -3.10 23.57 48.24
CA GLN B 212 -3.95 23.67 49.42
C GLN B 212 -5.30 24.29 49.07
N LYS B 213 -5.33 25.26 48.16
CA LYS B 213 -6.61 25.84 47.77
C LYS B 213 -7.46 24.82 47.01
N GLU B 214 -6.85 24.12 46.05
CA GLU B 214 -7.59 23.10 45.30
C GLU B 214 -8.06 21.99 46.24
N ALA B 215 -7.19 21.53 47.14
CA ALA B 215 -7.63 20.56 48.14
C ALA B 215 -8.79 21.14 48.93
N GLY B 216 -8.70 22.41 49.32
CA GLY B 216 -9.80 23.07 50.01
C GLY B 216 -11.08 23.02 49.20
N LEU B 217 -10.99 23.36 47.91
CA LEU B 217 -12.17 23.37 47.06
C LEU B 217 -12.68 21.97 46.77
N ARG B 218 -11.79 20.99 46.62
CA ARG B 218 -12.26 19.63 46.43
C ARG B 218 -12.94 19.08 47.67
N ALA B 219 -12.57 19.56 48.85
CA ALA B 219 -13.22 19.13 50.09
C ALA B 219 -14.56 19.81 50.28
N ALA B 220 -14.69 21.07 49.86
CA ALA B 220 -16.01 21.69 49.84
C ALA B 220 -16.94 20.91 48.92
N MET B 221 -16.43 20.48 47.75
CA MET B 221 -17.28 19.72 46.82
C MET B 221 -17.65 18.37 47.39
N ASP B 222 -16.77 17.73 48.14
CA ASP B 222 -17.13 16.45 48.72
C ASP B 222 -18.20 16.59 49.79
N ALA B 223 -18.29 17.77 50.41
CA ALA B 223 -19.39 18.03 51.34
C ALA B 223 -20.71 18.22 50.59
N LEU B 224 -20.68 18.97 49.48
CA LEU B 224 -21.88 19.28 48.70
C LEU B 224 -22.43 18.07 47.93
N LYS B 225 -21.59 17.07 47.65
CA LYS B 225 -22.13 15.86 47.06
C LYS B 225 -22.97 15.08 48.05
N ASN B 226 -23.10 15.57 49.28
CA ASN B 226 -23.83 14.83 50.31
C ASN B 226 -24.50 15.85 51.24
N ARG B 227 -25.81 16.05 51.07
CA ARG B 227 -26.49 17.16 51.76
C ARG B 227 -27.55 16.66 52.75
N GLN B 228 -27.09 16.31 53.96
CA GLN B 228 -27.93 16.29 55.16
C GLN B 228 -27.97 17.66 55.80
N LEU B 229 -26.81 18.32 55.86
CA LEU B 229 -26.75 19.73 56.18
C LEU B 229 -25.85 20.37 55.13
N LYS C 1 8.22 -8.65 -17.17
CA LYS C 1 8.85 -9.92 -16.81
C LYS C 1 7.99 -10.67 -15.81
N HIS C 2 7.84 -11.99 -16.00
CA HIS C 2 6.74 -12.70 -15.34
C HIS C 2 6.71 -12.64 -13.81
N PRO C 3 7.82 -12.42 -13.11
CA PRO C 3 7.69 -12.17 -11.68
C PRO C 3 7.43 -10.70 -11.40
N PRO C 4 6.50 -10.40 -10.50
CA PRO C 4 6.20 -9.00 -10.19
C PRO C 4 7.42 -8.28 -9.63
N LEU C 5 7.59 -7.04 -10.05
CA LEU C 5 8.75 -6.25 -9.62
C LEU C 5 8.54 -5.74 -8.21
N PRO C 6 9.42 -6.08 -7.26
CA PRO C 6 9.28 -5.53 -5.91
C PRO C 6 9.47 -4.03 -5.93
N PHE C 7 8.69 -3.37 -5.08
CA PHE C 7 8.36 -1.95 -5.18
C PHE C 7 9.23 -1.13 -4.25
N ILE C 8 9.56 0.08 -4.70
CA ILE C 8 10.23 1.10 -3.90
C ILE C 8 9.17 2.13 -3.51
N LYS C 9 8.86 2.25 -2.22
CA LYS C 9 7.83 3.22 -1.86
C LYS C 9 8.39 4.64 -1.73
N ASP C 10 9.52 4.81 -1.05
CA ASP C 10 10.02 6.15 -0.74
C ASP C 10 10.38 6.92 -2.02
N GLN C 11 9.80 8.09 -2.19
CA GLN C 11 10.06 8.89 -3.39
C GLN C 11 11.51 9.32 -3.46
N THR C 12 12.06 9.77 -2.33
CA THR C 12 13.45 10.25 -2.35
C THR C 12 14.42 9.15 -2.75
N LEU C 13 14.05 7.90 -2.53
CA LEU C 13 14.89 6.77 -2.91
C LEU C 13 14.74 6.45 -4.40
N TYR C 14 13.49 6.23 -4.84
CA TYR C 14 13.26 5.96 -6.25
C TYR C 14 13.98 6.97 -7.11
N GLU C 15 13.99 8.23 -6.67
CA GLU C 15 14.61 9.31 -7.41
C GLU C 15 16.13 9.27 -7.30
N ARG C 16 16.68 8.73 -6.21
CA ARG C 16 18.12 8.47 -6.18
C ARG C 16 18.53 7.50 -7.28
N VAL C 17 17.65 6.55 -7.61
CA VAL C 17 17.91 5.54 -8.62
C VAL C 17 17.60 6.02 -10.04
N PHE C 18 16.80 7.08 -10.21
CA PHE C 18 16.42 7.53 -11.55
C PHE C 18 16.45 9.05 -11.74
N VAL C 19 17.19 9.80 -10.91
CA VAL C 19 17.45 11.20 -11.21
C VAL C 19 18.33 11.35 -12.44
N HIS C 20 19.27 10.43 -12.64
CA HIS C 20 20.12 10.39 -13.82
C HIS C 20 20.93 9.10 -13.79
N ASN C 37 30.09 11.13 -1.54
CA ASN C 37 29.54 12.36 -0.96
C ASN C 37 28.87 13.25 -2.01
N SER C 38 28.86 12.79 -3.27
CA SER C 38 28.34 13.58 -4.38
C SER C 38 26.93 13.15 -4.80
N HIS C 39 26.76 11.90 -5.23
CA HIS C 39 25.46 11.37 -5.64
C HIS C 39 25.38 9.91 -5.23
N ASN C 40 24.28 9.26 -5.58
CA ASN C 40 24.13 7.84 -5.27
C ASN C 40 25.20 7.04 -6.00
N GLU C 41 26.03 6.37 -5.23
CA GLU C 41 26.96 5.34 -5.67
C GLU C 41 27.03 4.22 -4.65
N ARG C 42 26.53 4.46 -3.44
CA ARG C 42 26.42 3.45 -2.40
C ARG C 42 25.34 2.42 -2.72
N LEU C 43 24.33 2.79 -3.50
CA LEU C 43 23.33 1.79 -3.88
C LEU C 43 23.86 0.86 -4.96
N GLU C 44 24.59 1.40 -5.96
CA GLU C 44 25.29 0.52 -6.91
C GLU C 44 26.16 -0.50 -6.19
N PHE C 45 26.79 -0.07 -5.08
CA PHE C 45 27.76 -0.89 -4.36
C PHE C 45 27.05 -1.95 -3.54
N LEU C 46 25.98 -1.54 -2.85
CA LEU C 46 25.18 -2.47 -2.06
C LEU C 46 24.41 -3.41 -2.98
N GLY C 47 23.82 -2.89 -4.06
CA GLY C 47 23.11 -3.76 -4.97
C GLY C 47 24.01 -4.84 -5.52
N ASP C 48 25.15 -4.45 -6.08
CA ASP C 48 26.14 -5.41 -6.57
C ASP C 48 26.35 -6.55 -5.57
N SER C 49 26.54 -6.21 -4.29
CA SER C 49 26.89 -7.20 -3.26
C SER C 49 25.72 -8.13 -2.97
N VAL C 50 24.57 -7.55 -2.67
CA VAL C 50 23.33 -8.27 -2.47
C VAL C 50 23.06 -9.17 -3.67
N LEU C 51 23.20 -8.61 -4.87
CA LEU C 51 22.87 -9.39 -6.05
C LEU C 51 23.83 -10.57 -6.23
N ASN C 52 25.09 -10.41 -5.84
CA ASN C 52 26.00 -11.52 -6.03
C ASN C 52 25.91 -12.55 -4.94
N ASN C 53 25.62 -12.13 -3.71
CA ASN C 53 25.36 -13.12 -2.69
C ASN C 53 24.06 -13.87 -2.97
N LEU C 54 22.97 -13.13 -3.25
CA LEU C 54 21.69 -13.79 -3.49
C LEU C 54 21.80 -14.83 -4.60
N VAL C 55 22.39 -14.45 -5.73
CA VAL C 55 22.54 -15.37 -6.84
C VAL C 55 23.41 -16.56 -6.45
N THR C 56 24.42 -16.34 -5.59
CA THR C 56 25.26 -17.45 -5.14
C THR C 56 24.45 -18.49 -4.38
N LEU C 57 23.68 -18.03 -3.38
CA LEU C 57 22.79 -18.93 -2.63
C LEU C 57 21.89 -19.72 -3.58
N ILE C 58 21.18 -19.01 -4.47
CA ILE C 58 20.21 -19.66 -5.34
C ILE C 58 20.86 -20.78 -6.17
N ILE C 59 21.98 -20.51 -6.84
CA ILE C 59 22.57 -21.57 -7.66
C ILE C 59 23.15 -22.67 -6.79
N TYR C 60 23.83 -22.32 -5.70
CA TYR C 60 24.39 -23.36 -4.82
C TYR C 60 23.33 -24.36 -4.39
N ASP C 61 22.16 -23.85 -4.01
CA ASP C 61 21.05 -24.70 -3.62
C ASP C 61 20.51 -25.54 -4.78
N LYS C 62 20.45 -24.97 -6.00
CA LYS C 62 19.76 -25.63 -7.10
C LYS C 62 20.64 -26.65 -7.82
N PHE C 63 21.95 -26.48 -7.77
CA PHE C 63 22.87 -27.35 -8.48
C PHE C 63 23.86 -27.95 -7.49
N PRO C 64 23.43 -28.93 -6.69
CA PRO C 64 24.35 -29.53 -5.71
C PRO C 64 25.50 -30.28 -6.35
N SER C 65 25.41 -30.64 -7.62
CA SER C 65 26.43 -31.50 -8.22
C SER C 65 27.47 -30.74 -9.01
N ALA C 66 27.41 -29.41 -9.01
CA ALA C 66 28.34 -28.60 -9.78
C ALA C 66 29.55 -28.21 -8.95
N SER C 67 30.72 -28.31 -9.55
CA SER C 67 31.96 -27.90 -8.93
C SER C 67 31.93 -26.42 -8.55
N GLU C 68 32.91 -26.01 -7.73
CA GLU C 68 33.09 -24.58 -7.51
C GLU C 68 33.41 -23.86 -8.80
N GLY C 69 34.10 -24.54 -9.71
CA GLY C 69 34.45 -23.89 -10.97
C GLY C 69 33.23 -23.61 -11.81
N LYS C 70 32.32 -24.59 -11.89
CA LYS C 70 31.10 -24.35 -12.66
C LYS C 70 30.24 -23.30 -11.98
N LEU C 71 30.13 -23.38 -10.64
CA LEU C 71 29.38 -22.37 -9.92
C LEU C 71 29.93 -20.98 -10.22
N THR C 72 31.25 -20.85 -10.26
CA THR C 72 31.83 -19.54 -10.54
C THR C 72 31.44 -19.07 -11.94
N LYS C 73 31.38 -19.99 -12.91
CA LYS C 73 31.03 -19.59 -14.27
C LYS C 73 29.55 -19.25 -14.38
N MET C 74 28.69 -20.08 -13.78
CA MET C 74 27.26 -19.79 -13.72
C MET C 74 26.99 -18.42 -13.12
N ARG C 75 27.70 -18.08 -12.03
CA ARG C 75 27.41 -16.83 -11.37
C ARG C 75 27.85 -15.65 -12.23
N SER C 76 29.05 -15.72 -12.81
CA SER C 76 29.48 -14.62 -13.67
C SER C 76 28.53 -14.43 -14.84
N GLN C 77 27.89 -15.52 -15.31
CA GLN C 77 26.96 -15.42 -16.42
C GLN C 77 25.65 -14.76 -16.02
N LEU C 78 25.16 -14.96 -14.78
CA LEU C 78 23.89 -14.34 -14.38
C LEU C 78 24.03 -12.96 -13.74
N ILE C 79 25.21 -12.55 -13.25
CA ILE C 79 25.36 -11.19 -12.76
C ILE C 79 25.90 -10.23 -13.81
N ASP C 80 26.08 -10.66 -15.06
CA ASP C 80 26.79 -9.77 -15.95
C ASP C 80 25.85 -8.82 -16.71
N ASN C 81 26.45 -7.90 -17.47
CA ASN C 81 25.70 -6.78 -18.02
C ASN C 81 24.64 -7.22 -19.01
N HIS C 82 24.91 -8.28 -19.79
CA HIS C 82 23.90 -8.79 -20.71
C HIS C 82 22.60 -9.13 -20.00
N THR C 83 22.67 -9.98 -18.98
CA THR C 83 21.42 -10.41 -18.35
C THR C 83 20.79 -9.31 -17.50
N LEU C 84 21.60 -8.50 -16.80
CA LEU C 84 21.02 -7.43 -15.98
C LEU C 84 20.39 -6.36 -16.84
N THR C 85 20.92 -6.14 -18.05
CA THR C 85 20.26 -5.26 -19.01
C THR C 85 18.95 -5.87 -19.46
N GLN C 86 18.93 -7.18 -19.68
CA GLN C 86 17.71 -7.82 -20.12
C GLN C 86 16.60 -7.67 -19.08
N PHE C 87 16.95 -7.86 -17.80
CA PHE C 87 15.98 -7.60 -16.73
C PHE C 87 15.51 -6.15 -16.74
N SER C 88 16.44 -5.21 -16.96
CA SER C 88 16.09 -3.79 -16.88
C SER C 88 15.11 -3.35 -17.96
N PHE C 89 15.16 -3.97 -19.15
CA PHE C 89 14.21 -3.60 -20.20
C PHE C 89 12.87 -4.29 -20.02
N GLU C 90 12.86 -5.51 -19.49
CA GLU C 90 11.60 -6.17 -19.19
C GLU C 90 10.87 -5.52 -18.02
N TYR C 91 11.53 -4.64 -17.27
CA TYR C 91 10.86 -3.77 -16.32
C TYR C 91 10.88 -2.33 -16.80
N GLY C 92 11.19 -2.12 -18.08
CA GLY C 92 11.09 -0.82 -18.69
C GLY C 92 11.88 0.26 -17.99
N PHE C 93 13.09 -0.06 -17.54
CA PHE C 93 13.90 0.94 -16.86
C PHE C 93 14.30 2.06 -17.80
N ASP C 94 14.42 1.76 -19.10
CA ASP C 94 14.67 2.81 -20.08
C ASP C 94 13.61 3.88 -20.03
N LYS C 95 12.42 3.57 -19.51
CA LYS C 95 11.31 4.49 -19.39
C LYS C 95 11.29 5.20 -18.05
N ARG C 96 11.51 4.45 -16.95
CA ARG C 96 11.62 5.05 -15.63
C ARG C 96 12.81 5.98 -15.50
N LEU C 97 13.82 5.80 -16.35
CA LEU C 97 15.09 6.49 -16.24
C LEU C 97 14.93 7.91 -16.75
N LYS C 98 14.80 8.88 -15.84
CA LYS C 98 14.61 10.27 -16.23
C LYS C 98 15.97 10.86 -16.57
N THR C 99 16.20 11.05 -17.87
CA THR C 99 17.53 11.28 -18.43
C THR C 99 17.99 12.73 -18.27
N THR C 101 21.93 11.53 -23.89
CA THR C 101 20.70 10.93 -23.37
C THR C 101 20.46 9.57 -24.02
N ASP C 102 21.50 9.02 -24.66
CA ASP C 102 21.37 7.99 -25.68
C ASP C 102 21.99 6.65 -25.24
N GLU C 103 21.92 5.68 -26.16
CA GLU C 103 22.41 4.32 -25.90
C GLU C 103 23.85 4.16 -26.38
N ASP C 110 27.23 -1.64 -26.24
CA ASP C 110 27.98 -1.14 -25.10
C ASP C 110 27.06 -0.35 -24.18
N GLN C 111 27.60 0.70 -23.54
CA GLN C 111 26.84 1.52 -22.59
C GLN C 111 26.23 0.63 -21.49
N LYS C 112 27.15 0.18 -20.63
CA LYS C 112 26.97 -0.78 -19.55
C LYS C 112 26.01 -0.30 -18.47
N VAL C 113 25.32 0.81 -18.77
CA VAL C 113 24.59 1.59 -17.78
C VAL C 113 23.47 0.77 -17.14
N TYR C 114 22.54 0.26 -17.96
CA TYR C 114 21.32 -0.34 -17.43
C TYR C 114 21.60 -1.40 -16.38
N ALA C 115 22.71 -2.11 -16.54
CA ALA C 115 23.06 -3.07 -15.49
C ALA C 115 23.44 -2.35 -14.21
N ASP C 116 24.05 -1.17 -14.32
CA ASP C 116 24.44 -0.44 -13.12
C ASP C 116 23.23 0.21 -12.45
N ILE C 117 22.19 0.59 -13.22
CA ILE C 117 20.92 0.99 -12.62
C ILE C 117 20.35 -0.17 -11.82
N PHE C 118 20.21 -1.31 -12.50
CA PHE C 118 19.63 -2.51 -11.91
C PHE C 118 20.33 -2.89 -10.61
N GLU C 119 21.65 -2.74 -10.56
CA GLU C 119 22.34 -2.99 -9.30
C GLU C 119 21.93 -1.96 -8.26
N ALA C 120 21.95 -0.67 -8.63
CA ALA C 120 21.45 0.35 -7.71
C ALA C 120 20.03 0.02 -7.24
N TYR C 121 19.16 -0.38 -8.15
CA TYR C 121 17.78 -0.66 -7.80
C TYR C 121 17.70 -1.71 -6.70
N ILE C 122 18.28 -2.89 -6.94
CA ILE C 122 18.39 -3.90 -5.89
C ILE C 122 18.97 -3.30 -4.61
N GLY C 123 19.98 -2.45 -4.75
CA GLY C 123 20.49 -1.72 -3.60
C GLY C 123 19.41 -0.94 -2.87
N ALA C 124 18.41 -0.42 -3.61
CA ALA C 124 17.31 0.31 -2.98
C ALA C 124 16.33 -0.62 -2.29
N LEU C 125 15.86 -1.65 -2.99
CA LEU C 125 14.98 -2.62 -2.34
C LEU C 125 15.60 -3.08 -1.02
N SER C 126 16.92 -3.28 -1.01
CA SER C 126 17.58 -3.84 0.16
C SER C 126 17.54 -2.85 1.32
N VAL C 127 17.87 -1.60 1.06
CA VAL C 127 17.81 -0.63 2.15
C VAL C 127 16.36 -0.36 2.56
N GLU C 128 15.44 -0.29 1.59
CA GLU C 128 14.05 -0.01 1.97
C GLU C 128 13.47 -1.07 2.88
N ARG C 129 14.16 -2.18 3.08
CA ARG C 129 13.68 -3.26 3.92
C ARG C 129 14.58 -3.48 5.14
N GLY C 130 15.41 -2.50 5.49
CA GLY C 130 16.28 -2.63 6.63
C GLY C 130 17.39 -3.64 6.47
N LEU C 131 17.78 -3.96 5.24
CA LEU C 131 18.87 -4.89 4.92
C LEU C 131 18.47 -6.34 5.25
N ASP C 132 17.23 -6.70 4.87
CA ASP C 132 16.58 -7.97 5.18
C ASP C 132 16.94 -9.07 4.19
N LEU C 133 16.59 -8.85 2.92
CA LEU C 133 16.96 -9.58 1.72
C LEU C 133 16.18 -10.88 1.48
N ARG C 134 15.38 -11.40 2.42
CA ARG C 134 14.64 -12.61 2.08
C ARG C 134 13.52 -12.29 1.10
N GLU C 135 12.88 -11.14 1.29
CA GLU C 135 11.85 -10.73 0.35
C GLU C 135 12.42 -10.62 -1.06
N ILE C 136 13.74 -10.40 -1.17
CA ILE C 136 14.39 -10.14 -2.45
C ILE C 136 14.86 -11.42 -3.10
N LYS C 137 15.58 -12.23 -2.34
CA LYS C 137 15.91 -13.60 -2.70
C LYS C 137 14.74 -14.32 -3.37
N ASP C 138 13.51 -14.16 -2.85
CA ASP C 138 12.36 -14.85 -3.42
C ASP C 138 11.99 -14.31 -4.80
N TRP C 139 12.00 -13.00 -4.97
CA TRP C 139 11.77 -12.43 -6.28
C TRP C 139 12.79 -12.92 -7.29
N LEU C 140 14.09 -12.80 -6.95
CA LEU C 140 15.17 -13.29 -7.78
C LEU C 140 15.05 -14.78 -8.04
N GLU C 141 14.57 -15.55 -7.05
CA GLU C 141 14.42 -16.98 -7.26
C GLU C 141 13.43 -17.28 -8.38
N LYS C 142 12.47 -16.39 -8.60
CA LYS C 142 11.57 -16.53 -9.74
C LYS C 142 12.15 -15.87 -10.99
N LEU C 143 12.74 -14.69 -10.83
CA LEU C 143 13.28 -13.93 -11.96
C LEU C 143 14.30 -14.75 -12.73
N TYR C 144 14.92 -15.72 -12.08
CA TYR C 144 15.99 -16.48 -12.69
C TYR C 144 15.56 -17.86 -13.15
N ALA C 145 14.35 -18.31 -12.80
CA ALA C 145 13.84 -19.64 -13.11
C ALA C 145 14.14 -20.08 -14.54
N PRO C 146 13.71 -19.33 -15.58
CA PRO C 146 14.03 -19.77 -16.95
C PRO C 146 15.52 -19.88 -17.19
N LYS C 147 16.32 -18.94 -16.68
CA LYS C 147 17.76 -19.01 -16.87
C LYS C 147 18.34 -20.24 -16.18
N LEU C 148 17.78 -20.63 -15.04
CA LEU C 148 18.35 -21.77 -14.35
C LEU C 148 17.90 -23.07 -14.99
N GLU C 149 16.65 -23.14 -15.44
CA GLU C 149 16.25 -24.34 -16.15
C GLU C 149 17.05 -24.49 -17.44
N ALA C 150 17.42 -23.37 -18.08
CA ALA C 150 18.35 -23.47 -19.20
C ALA C 150 19.65 -24.14 -18.76
N PHE C 151 20.16 -23.78 -17.59
CA PHE C 151 21.44 -24.35 -17.20
C PHE C 151 21.29 -25.80 -16.72
N LYS C 152 20.16 -26.12 -16.08
CA LYS C 152 19.98 -27.50 -15.63
C LYS C 152 20.03 -28.45 -16.83
N VAL C 153 19.47 -28.03 -17.96
CA VAL C 153 19.45 -28.89 -19.13
C VAL C 153 20.85 -29.00 -19.75
N ASN C 154 21.50 -27.87 -19.98
CA ASN C 154 22.70 -27.83 -20.80
C ASN C 154 23.97 -27.46 -20.06
N PHE C 155 23.91 -27.08 -18.84
CA PHE C 155 25.19 -26.71 -18.24
C PHE C 155 25.53 -27.50 -16.99
N LEU C 156 24.55 -27.77 -16.10
CA LEU C 156 24.81 -28.73 -15.02
C LEU C 156 25.41 -30.00 -15.60
N GLN C 157 24.83 -30.48 -16.68
CA GLN C 157 25.25 -31.71 -17.33
C GLN C 157 26.65 -31.48 -17.92
N GLU C 158 27.17 -32.44 -18.68
CA GLU C 158 28.46 -32.19 -19.34
C GLU C 158 28.30 -31.82 -20.82
N SER C 159 27.74 -32.73 -21.63
CA SER C 159 27.75 -32.57 -23.08
C SER C 159 26.89 -33.69 -23.70
N VAL C 160 27.05 -34.00 -25.00
CA VAL C 160 26.52 -35.31 -25.44
C VAL C 160 27.53 -36.24 -26.14
N ASN C 161 27.89 -35.91 -27.40
CA ASN C 161 28.94 -36.55 -28.23
C ASN C 161 28.84 -38.09 -28.30
N LYS C 162 27.85 -38.56 -29.04
CA LYS C 162 27.78 -40.00 -29.33
C LYS C 162 28.93 -40.49 -30.26
N GLU C 163 29.93 -39.66 -30.51
CA GLU C 163 30.93 -39.90 -31.56
C GLU C 163 32.35 -40.05 -31.04
N ALA C 164 32.59 -39.85 -29.75
CA ALA C 164 33.93 -39.53 -29.26
C ALA C 164 34.92 -40.66 -29.46
N LYS C 165 34.46 -41.93 -29.42
CA LYS C 165 35.40 -43.04 -29.48
C LYS C 165 36.05 -43.14 -30.86
N SER C 166 35.29 -42.89 -31.93
CA SER C 166 35.93 -42.89 -33.25
C SER C 166 36.68 -41.60 -33.51
N GLU C 167 36.13 -40.47 -33.06
CA GLU C 167 36.85 -39.19 -33.16
C GLU C 167 38.22 -39.30 -32.49
N LEU C 168 38.25 -39.87 -31.27
CA LEU C 168 39.51 -40.10 -30.56
C LEU C 168 40.37 -41.13 -31.28
N TYR C 169 39.74 -42.16 -31.88
CA TYR C 169 40.47 -43.17 -32.64
C TYR C 169 41.16 -42.57 -33.86
N SER C 170 40.48 -41.64 -34.56
CA SER C 170 41.07 -41.00 -35.73
C SER C 170 42.22 -40.05 -35.38
N ILE C 171 42.55 -39.88 -34.12
CA ILE C 171 43.72 -39.09 -33.79
C ILE C 171 44.88 -40.03 -33.46
N VAL C 172 44.57 -41.13 -32.78
CA VAL C 172 45.62 -41.93 -32.15
C VAL C 172 45.48 -43.42 -32.45
N GLY C 173 44.54 -43.81 -33.30
CA GLY C 173 44.27 -45.23 -33.48
C GLY C 173 44.55 -45.86 -34.85
N THR C 174 45.32 -46.94 -34.83
CA THR C 174 45.48 -47.83 -35.98
C THR C 174 45.05 -49.23 -35.55
N ALA C 175 45.26 -50.21 -36.44
CA ALA C 175 45.03 -51.60 -36.04
C ALA C 175 46.11 -52.11 -35.08
N SER C 176 47.34 -51.57 -35.20
CA SER C 176 48.44 -51.97 -34.33
C SER C 176 48.06 -51.73 -32.87
N SER C 177 47.95 -50.46 -32.51
CA SER C 177 47.58 -50.03 -31.16
C SER C 177 46.36 -49.11 -31.27
N HIS C 178 45.21 -49.58 -30.82
CA HIS C 178 44.01 -48.78 -30.75
C HIS C 178 43.49 -48.77 -29.31
N PRO C 179 42.73 -47.75 -28.91
CA PRO C 179 42.40 -47.60 -27.50
C PRO C 179 41.29 -48.54 -27.05
N LEU C 180 41.48 -49.11 -25.86
CA LEU C 180 40.50 -49.99 -25.21
C LEU C 180 39.87 -49.26 -24.04
N TYR C 181 38.64 -49.64 -23.70
CA TYR C 181 37.84 -48.95 -22.69
C TYR C 181 37.46 -49.94 -21.58
N VAL C 182 38.27 -49.98 -20.53
CA VAL C 182 38.20 -51.03 -19.52
C VAL C 182 37.45 -50.50 -18.29
N VAL C 183 36.32 -51.12 -17.96
CA VAL C 183 35.57 -50.74 -16.77
C VAL C 183 36.40 -51.03 -15.53
N VAL C 184 36.37 -50.09 -14.58
CA VAL C 184 37.17 -50.18 -13.37
C VAL C 184 36.31 -50.38 -12.12
N GLU C 185 35.24 -49.61 -11.97
CA GLU C 185 34.17 -49.92 -11.05
C GLU C 185 32.90 -50.14 -11.84
N GLU C 186 32.10 -51.11 -11.40
CA GLU C 186 30.99 -51.62 -12.18
C GLU C 186 29.73 -51.71 -11.33
N GLY C 187 28.61 -51.94 -12.02
CA GLY C 187 27.35 -52.25 -11.36
C GLY C 187 26.37 -51.09 -11.27
N ASN C 188 25.14 -51.32 -11.73
CA ASN C 188 24.08 -50.32 -11.59
C ASN C 188 23.49 -50.30 -10.18
N GLY C 189 24.21 -50.85 -9.20
CA GLY C 189 23.74 -50.90 -7.82
C GLY C 189 24.02 -49.63 -7.05
N SER C 190 22.97 -48.82 -6.86
CA SER C 190 23.04 -47.50 -6.23
C SER C 190 23.86 -46.54 -7.10
N HIS C 191 24.39 -47.03 -8.21
CA HIS C 191 25.08 -46.21 -9.19
C HIS C 191 26.59 -46.24 -9.05
N ASP C 192 27.25 -47.02 -9.92
CA ASP C 192 28.70 -46.95 -10.05
C ASP C 192 29.08 -47.62 -11.37
N PHE C 193 29.29 -46.83 -12.42
CA PHE C 193 29.85 -47.33 -13.67
C PHE C 193 30.91 -46.34 -14.11
N VAL C 194 32.18 -46.74 -14.01
CA VAL C 194 33.31 -45.90 -14.37
C VAL C 194 34.24 -46.72 -15.26
N VAL C 195 34.66 -46.12 -16.38
CA VAL C 195 35.41 -46.82 -17.42
C VAL C 195 36.67 -46.03 -17.73
N GLU C 196 37.74 -46.74 -18.07
CA GLU C 196 39.04 -46.13 -18.35
C GLU C 196 39.43 -46.37 -19.80
N CYS C 197 39.78 -45.28 -20.48
CA CYS C 197 40.19 -45.32 -21.88
C CYS C 197 41.72 -45.39 -21.93
N ARG C 198 42.26 -46.59 -22.15
CA ARG C 198 43.69 -46.80 -22.09
C ARG C 198 44.23 -47.11 -23.48
N MET C 199 45.38 -46.53 -23.81
CA MET C 199 46.09 -46.84 -25.04
C MET C 199 47.36 -47.58 -24.65
N GLY C 200 47.21 -48.90 -24.45
CA GLY C 200 48.34 -49.73 -24.07
C GLY C 200 48.61 -49.82 -22.58
N ASN C 201 49.19 -48.76 -22.02
CA ASN C 201 49.53 -48.74 -20.59
C ASN C 201 49.07 -47.48 -19.85
N ASP C 202 48.71 -46.40 -20.57
CA ASP C 202 48.42 -45.09 -20.01
C ASP C 202 46.91 -44.81 -20.07
N VAL C 203 46.37 -44.18 -19.02
CA VAL C 203 44.93 -43.91 -18.91
C VAL C 203 44.62 -42.54 -19.50
N LEU C 204 44.34 -42.49 -20.80
CA LEU C 204 44.17 -41.22 -21.51
C LEU C 204 43.04 -40.39 -20.94
N GLY C 205 41.99 -41.04 -20.40
CA GLY C 205 40.88 -40.36 -19.75
C GLY C 205 39.91 -41.29 -19.03
N ARG C 206 39.37 -40.86 -17.89
CA ARG C 206 38.40 -41.65 -17.15
C ARG C 206 37.17 -40.80 -16.84
N ALA C 207 36.01 -41.44 -16.82
CA ALA C 207 34.75 -40.75 -16.60
C ALA C 207 33.73 -41.70 -15.97
N LYS C 208 32.66 -41.12 -15.41
CA LYS C 208 31.60 -41.89 -14.78
C LYS C 208 30.24 -41.55 -15.37
N ALA C 209 29.43 -42.57 -15.60
CA ALA C 209 28.08 -42.42 -16.14
C ALA C 209 27.23 -43.57 -15.66
N PRO C 210 25.90 -43.42 -15.68
CA PRO C 210 25.01 -44.52 -15.25
C PRO C 210 25.17 -45.81 -16.05
N SER C 211 25.74 -45.78 -17.25
CA SER C 211 25.93 -47.01 -18.03
C SER C 211 27.37 -47.09 -18.52
N GLN C 212 27.73 -48.27 -19.05
CA GLN C 212 29.11 -48.53 -19.42
C GLN C 212 29.51 -47.82 -20.71
N LYS C 213 28.59 -47.72 -21.67
CA LYS C 213 28.94 -47.03 -22.91
C LYS C 213 28.92 -45.52 -22.73
N GLU C 214 27.94 -44.99 -21.99
CA GLU C 214 27.94 -43.56 -21.70
C GLU C 214 29.24 -43.15 -21.01
N ALA C 215 29.68 -43.94 -20.03
CA ALA C 215 30.97 -43.70 -19.39
C ALA C 215 32.11 -43.95 -20.36
N GLY C 216 31.97 -44.97 -21.20
CA GLY C 216 33.01 -45.26 -22.18
C GLY C 216 33.22 -44.12 -23.13
N LEU C 217 32.14 -43.56 -23.67
CA LEU C 217 32.24 -42.38 -24.53
C LEU C 217 32.79 -41.19 -23.75
N ARG C 218 32.27 -40.95 -22.54
CA ARG C 218 32.75 -39.82 -21.74
C ARG C 218 34.23 -39.98 -21.39
N ALA C 219 34.70 -41.22 -21.25
CA ALA C 219 36.13 -41.41 -21.05
C ALA C 219 36.92 -40.98 -22.27
N ALA C 220 36.36 -41.18 -23.46
CA ALA C 220 37.00 -40.67 -24.67
C ALA C 220 36.90 -39.16 -24.74
N MET C 221 35.74 -38.61 -24.36
CA MET C 221 35.53 -37.16 -24.38
C MET C 221 36.54 -36.43 -23.49
N ASP C 222 36.85 -36.98 -22.32
CA ASP C 222 37.86 -36.37 -21.47
C ASP C 222 39.24 -36.44 -22.11
N ALA C 223 39.53 -37.51 -22.86
CA ALA C 223 40.84 -37.64 -23.49
C ALA C 223 41.06 -36.54 -24.54
N LEU C 224 40.04 -36.28 -25.36
CA LEU C 224 40.12 -35.28 -26.43
C LEU C 224 40.25 -33.85 -25.92
N LYS C 225 39.82 -33.60 -24.68
CA LYS C 225 40.10 -32.31 -24.08
C LYS C 225 41.60 -31.98 -24.09
N ASN C 226 42.45 -32.97 -24.32
CA ASN C 226 43.91 -32.78 -24.30
C ASN C 226 44.51 -33.37 -25.56
N ARG C 227 44.51 -32.60 -26.64
CA ARG C 227 45.09 -33.03 -27.90
C ARG C 227 46.52 -32.52 -28.00
N GLN C 228 47.47 -33.45 -28.05
CA GLN C 228 48.89 -33.13 -27.98
C GLN C 228 49.67 -33.57 -29.22
N LEU C 229 49.62 -34.86 -29.58
CA LEU C 229 50.64 -35.41 -30.47
C LEU C 229 50.42 -34.87 -31.88
N LEU C 230 51.36 -34.02 -32.30
CA LEU C 230 51.19 -33.12 -33.41
C LEU C 230 51.16 -33.83 -34.76
N LYS D 1 -18.28 20.72 32.29
CA LYS D 1 -17.06 20.77 33.08
C LYS D 1 -16.44 22.17 33.06
N HIS D 2 -16.45 22.85 31.90
CA HIS D 2 -15.68 24.10 31.78
C HIS D 2 -16.35 25.23 32.54
N PRO D 3 -17.57 25.67 32.22
CA PRO D 3 -18.21 26.75 33.00
C PRO D 3 -18.74 26.23 34.31
N PRO D 4 -18.70 27.04 35.36
CA PRO D 4 -19.20 26.58 36.67
C PRO D 4 -20.67 26.19 36.61
N LEU D 5 -21.02 25.18 37.37
CA LEU D 5 -22.39 24.72 37.44
C LEU D 5 -23.19 25.62 38.38
N PRO D 6 -24.24 26.28 37.89
CA PRO D 6 -25.06 27.12 38.79
C PRO D 6 -25.67 26.31 39.91
N PHE D 7 -25.63 26.85 41.13
CA PHE D 7 -26.06 26.14 42.32
C PHE D 7 -27.54 26.34 42.59
N ILE D 8 -28.15 25.33 43.19
CA ILE D 8 -29.52 25.42 43.72
C ILE D 8 -29.40 25.67 45.21
N LYS D 9 -29.72 26.90 45.63
CA LYS D 9 -29.61 27.23 47.05
C LYS D 9 -30.70 26.56 47.86
N ASP D 10 -31.93 26.55 47.37
CA ASP D 10 -33.01 25.94 48.12
C ASP D 10 -32.71 24.47 48.38
N GLN D 11 -32.56 24.10 49.65
CA GLN D 11 -32.25 22.72 49.99
C GLN D 11 -33.33 21.76 49.49
N THR D 12 -34.59 22.05 49.83
CA THR D 12 -35.69 21.18 49.41
C THR D 12 -35.72 21.03 47.90
N LEU D 13 -35.61 22.13 47.17
CA LEU D 13 -35.58 22.05 45.72
C LEU D 13 -34.48 21.13 45.24
N TYR D 14 -33.27 21.25 45.80
CA TYR D 14 -32.18 20.36 45.43
C TYR D 14 -32.53 18.91 45.67
N GLU D 15 -33.26 18.63 46.75
CA GLU D 15 -33.55 17.25 47.12
C GLU D 15 -34.62 16.63 46.21
N ARG D 16 -35.53 17.44 45.69
CA ARG D 16 -36.52 16.95 44.73
C ARG D 16 -35.85 16.35 43.51
N VAL D 17 -34.77 16.98 43.04
CA VAL D 17 -34.09 16.52 41.83
C VAL D 17 -33.25 15.26 42.11
N PHE D 18 -32.70 15.11 43.32
CA PHE D 18 -31.67 14.10 43.48
C PHE D 18 -32.04 12.97 44.42
N VAL D 19 -32.54 13.24 45.63
CA VAL D 19 -32.79 12.10 46.50
C VAL D 19 -33.99 11.27 46.03
N HIS D 20 -34.95 11.86 45.33
CA HIS D 20 -36.08 11.09 44.79
C HIS D 20 -35.60 9.98 43.84
N ASN D 37 -37.92 3.91 36.57
CA ASN D 37 -37.80 3.84 38.02
C ASN D 37 -38.45 5.04 38.69
N SER D 38 -37.66 6.11 38.81
CA SER D 38 -38.03 7.27 39.61
C SER D 38 -39.23 7.98 39.03
N HIS D 39 -39.13 8.45 37.79
CA HIS D 39 -40.19 9.23 37.15
C HIS D 39 -40.56 10.44 38.00
N ASN D 40 -39.59 11.36 38.05
CA ASN D 40 -39.77 12.66 38.75
C ASN D 40 -40.73 13.50 37.90
N GLU D 41 -41.52 14.37 38.53
CA GLU D 41 -42.55 15.13 37.78
C GLU D 41 -42.26 16.63 37.79
N ARG D 42 -43.00 17.37 36.97
CA ARG D 42 -43.06 18.85 36.94
C ARG D 42 -41.73 19.59 36.70
N LEU D 43 -40.58 19.03 37.05
CA LEU D 43 -39.37 19.83 36.87
C LEU D 43 -38.60 19.40 35.64
N GLU D 44 -38.63 18.10 35.29
CA GLU D 44 -38.23 17.68 33.95
C GLU D 44 -39.13 18.30 32.90
N PHE D 45 -40.43 18.44 33.20
CA PHE D 45 -41.32 19.16 32.30
C PHE D 45 -40.84 20.58 32.03
N LEU D 46 -40.51 21.32 33.10
CA LEU D 46 -40.05 22.69 32.93
C LEU D 46 -38.69 22.73 32.24
N GLY D 47 -37.75 21.87 32.66
CA GLY D 47 -36.40 21.91 32.12
C GLY D 47 -36.35 21.50 30.66
N ASP D 48 -37.13 20.47 30.29
CA ASP D 48 -37.33 20.14 28.88
C ASP D 48 -37.66 21.39 28.08
N SER D 49 -38.67 22.14 28.52
CA SER D 49 -39.08 23.30 27.74
C SER D 49 -38.01 24.39 27.74
N VAL D 50 -37.40 24.65 28.89
CA VAL D 50 -36.42 25.72 29.01
C VAL D 50 -35.17 25.40 28.19
N LEU D 51 -34.64 24.18 28.35
CA LEU D 51 -33.43 23.82 27.63
C LEU D 51 -33.66 23.87 26.14
N ASN D 52 -34.81 23.37 25.69
CA ASN D 52 -35.18 23.42 24.29
C ASN D 52 -35.11 24.83 23.72
N ASN D 53 -35.99 25.72 24.18
CA ASN D 53 -36.10 27.01 23.52
C ASN D 53 -34.82 27.82 23.69
N LEU D 54 -34.19 27.76 24.87
CA LEU D 54 -32.95 28.50 25.06
C LEU D 54 -31.87 28.04 24.07
N VAL D 55 -31.75 26.72 23.86
CA VAL D 55 -30.84 26.22 22.82
C VAL D 55 -31.23 26.75 21.44
N THR D 56 -32.54 26.81 21.18
CA THR D 56 -32.99 27.33 19.91
C THR D 56 -32.50 28.75 19.70
N LEU D 57 -32.74 29.62 20.70
CA LEU D 57 -32.25 30.98 20.64
C LEU D 57 -30.75 31.02 20.41
N ILE D 58 -29.99 30.22 21.18
CA ILE D 58 -28.54 30.10 21.02
C ILE D 58 -28.16 29.80 19.57
N ILE D 59 -28.62 28.66 19.02
CA ILE D 59 -28.18 28.32 17.67
C ILE D 59 -28.82 29.18 16.59
N TYR D 60 -30.01 29.75 16.86
CA TYR D 60 -30.56 30.75 15.94
C TYR D 60 -29.59 31.90 15.76
N ASP D 61 -29.03 32.37 16.87
CA ASP D 61 -28.15 33.53 16.80
C ASP D 61 -26.80 33.14 16.23
N LYS D 62 -26.26 32.00 16.66
CA LYS D 62 -24.92 31.60 16.21
C LYS D 62 -24.87 31.34 14.70
N PHE D 63 -25.95 30.86 14.08
CA PHE D 63 -25.88 30.35 12.72
C PHE D 63 -26.83 31.10 11.78
N PRO D 64 -26.53 32.38 11.52
CA PRO D 64 -27.46 33.23 10.75
C PRO D 64 -27.98 32.63 9.47
N SER D 65 -27.11 31.97 8.70
CA SER D 65 -27.48 31.50 7.36
C SER D 65 -27.82 30.03 7.33
N ALA D 66 -28.16 29.46 8.48
CA ALA D 66 -28.57 28.07 8.51
C ALA D 66 -30.07 28.00 8.27
N SER D 67 -30.64 27.09 7.50
CA SER D 67 -32.09 26.96 7.27
C SER D 67 -32.76 26.25 8.45
N GLU D 68 -34.08 26.08 8.34
CA GLU D 68 -34.90 25.37 9.37
C GLU D 68 -34.35 23.95 9.53
N GLY D 69 -34.03 23.30 8.41
CA GLY D 69 -33.46 21.95 8.38
C GLY D 69 -32.22 21.80 9.24
N LYS D 70 -31.14 22.54 8.99
CA LYS D 70 -29.97 22.26 9.83
C LYS D 70 -30.17 22.73 11.26
N LEU D 71 -31.02 23.75 11.48
CA LEU D 71 -31.27 24.16 12.86
C LEU D 71 -32.00 23.08 13.64
N THR D 72 -33.10 22.53 13.08
CA THR D 72 -33.73 21.37 13.72
C THR D 72 -32.74 20.25 13.95
N LYS D 73 -31.83 20.02 13.00
CA LYS D 73 -30.85 18.96 13.19
C LYS D 73 -29.91 19.29 14.34
N MET D 74 -29.34 20.51 14.35
CA MET D 74 -28.38 20.73 15.42
C MET D 74 -29.08 20.83 16.77
N ARG D 75 -30.33 21.28 16.84
CA ARG D 75 -31.01 21.26 18.13
C ARG D 75 -31.18 19.84 18.62
N SER D 76 -31.77 18.98 17.78
CA SER D 76 -31.91 17.56 18.07
C SER D 76 -30.61 16.98 18.61
N GLN D 77 -29.53 17.12 17.83
CA GLN D 77 -28.21 16.72 18.30
C GLN D 77 -27.87 17.32 19.65
N LEU D 78 -28.11 18.63 19.83
CA LEU D 78 -27.61 19.26 21.03
C LEU D 78 -28.41 18.90 22.28
N ILE D 79 -29.56 18.24 22.14
CA ILE D 79 -30.47 18.03 23.25
C ILE D 79 -30.77 16.55 23.49
N ASP D 80 -30.26 15.65 22.66
CA ASP D 80 -30.48 14.23 22.81
C ASP D 80 -29.90 13.71 24.13
N ASN D 81 -30.29 12.47 24.49
CA ASN D 81 -29.87 11.93 25.78
C ASN D 81 -28.35 11.83 25.90
N HIS D 82 -27.66 11.60 24.80
CA HIS D 82 -26.21 11.53 24.79
C HIS D 82 -25.60 12.87 25.26
N THR D 83 -25.98 13.98 24.62
CA THR D 83 -25.39 15.26 24.98
C THR D 83 -25.69 15.59 26.43
N LEU D 84 -26.90 15.30 26.88
CA LEU D 84 -27.29 15.60 28.25
C LEU D 84 -26.51 14.77 29.28
N THR D 85 -26.51 13.43 29.15
CA THR D 85 -25.76 12.66 30.14
C THR D 85 -24.30 13.04 30.15
N GLN D 86 -23.76 13.40 28.97
CA GLN D 86 -22.40 13.89 28.92
C GLN D 86 -22.20 15.01 29.92
N PHE D 87 -22.96 16.09 29.76
CA PHE D 87 -22.91 17.18 30.72
C PHE D 87 -23.10 16.67 32.15
N SER D 88 -24.12 15.82 32.34
CA SER D 88 -24.43 15.29 33.67
C SER D 88 -23.20 14.71 34.35
N PHE D 89 -22.39 13.96 33.59
CA PHE D 89 -21.19 13.34 34.16
C PHE D 89 -20.10 14.37 34.41
N GLU D 90 -20.02 15.41 33.58
CA GLU D 90 -18.98 16.41 33.76
C GLU D 90 -19.20 17.23 35.02
N TYR D 91 -20.44 17.31 35.51
CA TYR D 91 -20.75 18.03 36.74
C TYR D 91 -21.04 17.08 37.89
N GLY D 92 -20.81 15.79 37.69
CA GLY D 92 -20.82 14.85 38.80
C GLY D 92 -22.19 14.43 39.25
N PHE D 93 -23.17 14.34 38.34
CA PHE D 93 -24.52 13.96 38.73
C PHE D 93 -24.58 12.51 39.19
N ASP D 94 -23.69 11.66 38.69
CA ASP D 94 -23.64 10.29 39.18
C ASP D 94 -23.37 10.26 40.66
N LYS D 95 -22.61 11.22 41.18
CA LYS D 95 -22.30 11.19 42.61
C LYS D 95 -23.25 12.02 43.45
N ARG D 96 -24.06 12.88 42.83
CA ARG D 96 -25.13 13.53 43.57
C ARG D 96 -26.34 12.63 43.70
N LEU D 97 -26.52 11.70 42.77
CA LEU D 97 -27.70 10.85 42.75
C LEU D 97 -27.65 9.84 43.90
N LYS D 98 -28.74 9.78 44.67
CA LYS D 98 -28.82 8.84 45.79
C LYS D 98 -29.39 7.52 45.24
N THR D 99 -28.49 6.61 44.89
CA THR D 99 -28.77 5.53 43.96
C THR D 99 -29.40 4.31 44.64
N LYS D 100 -30.19 3.58 43.84
CA LYS D 100 -30.64 2.19 44.05
C LYS D 100 -30.18 1.39 42.82
N THR D 101 -28.97 0.84 42.93
CA THR D 101 -28.21 0.05 41.94
C THR D 101 -27.57 0.82 40.79
N ASP D 102 -27.92 2.11 40.60
CA ASP D 102 -27.56 2.98 39.43
C ASP D 102 -28.79 3.72 38.90
N ASP D 110 -26.44 7.96 26.11
CA ASP D 110 -26.18 6.91 27.10
C ASP D 110 -27.39 6.69 28.03
N GLN D 111 -27.13 6.62 29.35
CA GLN D 111 -28.17 6.24 30.31
C GLN D 111 -29.34 7.22 30.28
N LYS D 112 -30.51 6.76 29.84
CA LYS D 112 -31.68 7.63 29.73
C LYS D 112 -32.01 8.33 31.04
N VAL D 113 -31.58 7.76 32.17
CA VAL D 113 -31.84 8.36 33.48
C VAL D 113 -31.22 9.75 33.59
N TYR D 114 -29.91 9.85 33.39
CA TYR D 114 -29.20 11.09 33.69
C TYR D 114 -29.72 12.26 32.86
N ALA D 115 -30.02 12.02 31.59
CA ALA D 115 -30.67 13.05 30.78
C ALA D 115 -31.83 13.70 31.52
N ASP D 116 -32.71 12.89 32.11
CA ASP D 116 -33.92 13.45 32.68
C ASP D 116 -33.64 14.22 33.97
N ILE D 117 -32.70 13.73 34.80
CA ILE D 117 -32.25 14.49 35.95
C ILE D 117 -31.75 15.87 35.52
N PHE D 118 -30.89 15.91 34.50
CA PHE D 118 -30.26 17.18 34.11
C PHE D 118 -31.30 18.21 33.71
N GLU D 119 -32.31 17.79 32.94
CA GLU D 119 -33.45 18.66 32.65
C GLU D 119 -34.17 19.09 33.92
N ALA D 120 -34.49 18.12 34.80
CA ALA D 120 -35.08 18.47 36.09
C ALA D 120 -34.23 19.49 36.84
N TYR D 121 -32.90 19.46 36.62
CA TYR D 121 -32.03 20.46 37.23
C TYR D 121 -32.24 21.83 36.60
N ILE D 122 -32.29 21.91 35.27
CA ILE D 122 -32.62 23.17 34.62
C ILE D 122 -33.93 23.71 35.19
N GLY D 123 -34.88 22.83 35.46
CA GLY D 123 -36.17 23.27 35.97
C GLY D 123 -36.05 23.90 37.34
N ALA D 124 -35.24 23.32 38.22
CA ALA D 124 -35.00 23.93 39.53
C ALA D 124 -34.38 25.33 39.38
N LEU D 125 -33.26 25.44 38.68
CA LEU D 125 -32.66 26.75 38.42
C LEU D 125 -33.71 27.75 37.95
N SER D 126 -34.54 27.33 37.01
CA SER D 126 -35.55 28.24 36.48
C SER D 126 -36.63 28.52 37.52
N VAL D 127 -37.14 27.47 38.19
CA VAL D 127 -38.10 27.66 39.29
C VAL D 127 -37.52 28.60 40.33
N GLU D 128 -36.31 28.33 40.79
CA GLU D 128 -35.69 29.08 41.88
C GLU D 128 -35.43 30.52 41.54
N ARG D 129 -35.69 30.94 40.31
CA ARG D 129 -35.41 32.32 39.92
C ARG D 129 -36.59 32.93 39.14
N GLY D 130 -37.83 32.62 39.55
CA GLY D 130 -39.02 33.26 38.99
C GLY D 130 -39.15 33.10 37.49
N LEU D 131 -38.68 31.94 37.03
CA LEU D 131 -38.51 31.56 35.60
C LEU D 131 -37.42 32.48 35.04
N ASP D 132 -37.74 33.62 34.41
CA ASP D 132 -36.69 34.56 33.90
C ASP D 132 -35.74 33.92 32.87
N LEU D 133 -34.81 33.04 33.30
CA LEU D 133 -33.87 32.19 32.51
C LEU D 133 -32.73 32.99 31.91
N ARG D 134 -32.60 34.27 32.24
CA ARG D 134 -31.55 34.97 31.52
C ARG D 134 -30.15 34.57 32.00
N GLU D 135 -30.00 34.18 33.27
CA GLU D 135 -28.72 33.73 33.79
C GLU D 135 -28.42 32.27 33.46
N ILE D 136 -29.46 31.48 33.14
CA ILE D 136 -29.29 30.11 32.64
C ILE D 136 -28.80 30.12 31.20
N LYS D 137 -29.34 31.01 30.36
CA LYS D 137 -28.88 31.11 28.98
C LYS D 137 -27.41 31.47 28.92
N ASP D 138 -26.95 32.32 29.85
CA ASP D 138 -25.53 32.69 29.87
C ASP D 138 -24.67 31.49 30.23
N TRP D 139 -25.16 30.65 31.16
CA TRP D 139 -24.48 29.41 31.49
C TRP D 139 -24.51 28.44 30.32
N LEU D 140 -25.64 28.34 29.63
CA LEU D 140 -25.70 27.40 28.51
C LEU D 140 -24.88 27.91 27.33
N GLU D 141 -24.77 29.23 27.16
CA GLU D 141 -23.99 29.77 26.05
C GLU D 141 -22.53 29.39 26.20
N LYS D 142 -22.00 29.46 27.43
CA LYS D 142 -20.62 29.01 27.66
C LYS D 142 -20.50 27.50 27.56
N LEU D 143 -21.46 26.76 28.15
CA LEU D 143 -21.37 25.31 28.21
C LEU D 143 -21.36 24.71 26.81
N TYR D 144 -22.26 25.18 25.93
CA TYR D 144 -22.36 24.68 24.58
C TYR D 144 -21.31 25.25 23.62
N ALA D 145 -20.50 26.24 24.04
CA ALA D 145 -19.56 26.87 23.12
C ALA D 145 -18.67 25.87 22.38
N PRO D 146 -17.98 24.93 23.04
CA PRO D 146 -17.12 24.01 22.25
C PRO D 146 -17.86 23.24 21.18
N LYS D 147 -19.07 22.75 21.46
CA LYS D 147 -19.76 21.98 20.43
C LYS D 147 -20.24 22.84 19.27
N LEU D 148 -20.51 24.13 19.50
CA LEU D 148 -20.99 24.94 18.38
C LEU D 148 -19.87 25.23 17.39
N GLU D 149 -18.65 25.43 17.90
CA GLU D 149 -17.51 25.62 17.00
C GLU D 149 -17.31 24.40 16.12
N ALA D 150 -17.34 23.21 16.71
CA ALA D 150 -17.45 21.98 15.96
C ALA D 150 -18.47 22.09 14.82
N PHE D 151 -19.69 22.54 15.15
CA PHE D 151 -20.74 22.68 14.14
C PHE D 151 -20.41 23.79 13.17
N LYS D 152 -19.88 24.90 13.68
CA LYS D 152 -19.37 25.97 12.83
C LYS D 152 -18.43 25.43 11.75
N VAL D 153 -17.59 24.44 12.11
CA VAL D 153 -16.61 23.91 11.16
C VAL D 153 -17.25 22.94 10.18
N ASN D 154 -17.83 21.85 10.69
CA ASN D 154 -18.10 20.65 9.89
C ASN D 154 -19.57 20.43 9.55
N PHE D 155 -20.48 21.12 10.22
CA PHE D 155 -21.89 20.97 9.91
C PHE D 155 -22.43 22.14 9.16
N LEU D 156 -21.79 23.29 9.32
CA LEU D 156 -22.32 24.55 8.83
C LEU D 156 -22.28 24.55 7.31
N GLN D 157 -23.36 24.10 6.68
CA GLN D 157 -23.57 24.22 5.25
C GLN D 157 -22.31 23.96 4.45
N GLU D 158 -21.49 23.03 4.92
CA GLU D 158 -20.35 22.66 4.14
C GLU D 158 -20.01 21.19 4.26
N SER D 159 -19.96 20.50 3.12
CA SER D 159 -19.18 19.30 2.90
C SER D 159 -17.89 19.74 2.21
N VAL D 160 -17.05 18.78 1.75
CA VAL D 160 -15.69 19.15 1.34
C VAL D 160 -15.21 18.79 -0.10
N ASN D 161 -14.83 17.51 -0.33
CA ASN D 161 -14.57 16.75 -1.57
C ASN D 161 -13.81 17.33 -2.77
N LYS D 162 -12.47 17.33 -2.75
CA LYS D 162 -11.68 17.81 -3.88
C LYS D 162 -11.51 16.85 -5.08
N GLU D 163 -12.40 15.86 -5.28
CA GLU D 163 -12.21 14.98 -6.44
C GLU D 163 -13.51 14.53 -7.10
N ALA D 164 -14.55 15.35 -7.05
CA ALA D 164 -15.89 14.88 -7.40
C ALA D 164 -16.07 14.73 -8.92
N LYS D 165 -15.50 15.65 -9.69
CA LYS D 165 -15.61 15.61 -11.15
C LYS D 165 -15.25 14.24 -11.71
N SER D 166 -14.08 13.71 -11.33
CA SER D 166 -13.67 12.39 -11.79
C SER D 166 -14.65 11.34 -11.33
N GLU D 167 -15.13 11.47 -10.09
CA GLU D 167 -16.13 10.54 -9.58
C GLU D 167 -17.41 10.58 -10.41
N LEU D 168 -17.79 11.77 -10.90
CA LEU D 168 -19.01 11.87 -11.70
C LEU D 168 -18.82 11.26 -13.07
N TYR D 169 -17.68 11.53 -13.70
CA TYR D 169 -17.32 10.91 -14.98
C TYR D 169 -17.43 9.39 -14.94
N SER D 170 -17.01 8.79 -13.82
CA SER D 170 -16.92 7.32 -13.73
C SER D 170 -18.27 6.66 -14.00
N ILE D 171 -19.37 7.27 -13.58
CA ILE D 171 -20.66 6.66 -13.84
C ILE D 171 -21.14 6.90 -15.27
N VAL D 172 -20.81 8.06 -15.87
CA VAL D 172 -21.55 8.55 -17.02
C VAL D 172 -20.68 8.88 -18.23
N GLY D 173 -19.36 9.04 -18.09
CA GLY D 173 -18.55 9.70 -19.10
C GLY D 173 -17.69 8.76 -19.93
N THR D 174 -17.70 9.00 -21.24
CA THR D 174 -16.65 8.58 -22.17
C THR D 174 -16.16 9.84 -22.88
N ALA D 175 -15.30 9.66 -23.88
CA ALA D 175 -14.87 10.80 -24.69
C ALA D 175 -16.05 11.48 -25.36
N SER D 176 -17.06 10.71 -25.74
CA SER D 176 -18.18 11.26 -26.48
C SER D 176 -19.31 11.74 -25.59
N SER D 177 -19.25 11.47 -24.28
CA SER D 177 -20.38 11.73 -23.39
C SER D 177 -19.91 12.26 -22.03
N HIS D 178 -19.05 13.30 -22.02
CA HIS D 178 -18.63 13.80 -20.70
C HIS D 178 -19.25 15.17 -20.36
N PRO D 179 -19.50 15.46 -19.04
CA PRO D 179 -20.32 16.62 -18.68
C PRO D 179 -19.80 18.01 -19.08
N LEU D 180 -18.61 18.47 -18.64
CA LEU D 180 -18.14 19.84 -18.95
C LEU D 180 -18.92 20.98 -18.28
N TYR D 181 -18.49 21.33 -17.07
CA TYR D 181 -18.98 22.44 -16.27
C TYR D 181 -18.90 23.78 -17.02
N VAL D 182 -19.71 24.74 -16.59
CA VAL D 182 -19.84 26.05 -17.24
C VAL D 182 -20.14 27.13 -16.20
N VAL D 183 -19.43 28.26 -16.28
CA VAL D 183 -19.56 29.31 -15.26
C VAL D 183 -20.76 30.21 -15.58
N VAL D 184 -21.45 30.65 -14.53
CA VAL D 184 -22.54 31.64 -14.63
C VAL D 184 -22.29 32.72 -13.58
N GLU D 185 -22.13 33.98 -14.02
CA GLU D 185 -21.85 35.11 -13.13
C GLU D 185 -20.51 35.02 -12.39
N GLU D 186 -19.39 35.28 -13.07
CA GLU D 186 -18.06 35.27 -12.48
C GLU D 186 -17.91 35.99 -11.14
N GLY D 187 -16.84 35.70 -10.41
CA GLY D 187 -16.78 36.02 -8.99
C GLY D 187 -16.03 37.31 -8.70
N ASN D 188 -16.67 38.18 -7.91
CA ASN D 188 -16.07 39.45 -7.55
C ASN D 188 -15.05 39.23 -6.44
N GLY D 189 -14.63 40.32 -5.77
CA GLY D 189 -13.79 40.18 -4.59
C GLY D 189 -14.50 39.35 -3.53
N SER D 190 -15.72 39.73 -3.18
CA SER D 190 -16.51 38.95 -2.24
C SER D 190 -17.55 38.08 -2.91
N HIS D 191 -18.01 38.44 -4.11
CA HIS D 191 -19.04 37.63 -4.75
C HIS D 191 -18.43 36.37 -5.35
N ASP D 192 -19.30 35.39 -5.58
CA ASP D 192 -18.91 34.01 -5.79
C ASP D 192 -19.18 33.60 -7.23
N PHE D 193 -18.52 32.51 -7.62
CA PHE D 193 -18.79 31.85 -8.88
C PHE D 193 -19.95 30.89 -8.71
N VAL D 194 -20.77 30.78 -9.74
CA VAL D 194 -21.88 29.84 -9.75
C VAL D 194 -21.66 28.98 -10.98
N VAL D 195 -21.29 27.73 -10.76
CA VAL D 195 -21.08 26.78 -11.84
C VAL D 195 -22.20 25.76 -11.77
N GLU D 196 -22.78 25.43 -12.91
CA GLU D 196 -23.71 24.32 -13.00
C GLU D 196 -23.07 23.27 -13.90
N CYS D 197 -22.97 22.04 -13.39
CA CYS D 197 -22.36 20.99 -14.18
C CYS D 197 -23.42 20.62 -15.20
N ARG D 198 -23.18 20.98 -16.45
CA ARG D 198 -24.06 20.64 -17.55
C ARG D 198 -23.39 19.52 -18.33
N MET D 199 -24.13 18.44 -18.58
CA MET D 199 -23.66 17.37 -19.45
C MET D 199 -24.20 17.56 -20.86
N GLY D 200 -23.97 18.76 -21.37
CA GLY D 200 -24.21 19.25 -22.73
C GLY D 200 -25.69 19.59 -23.01
N ASN D 201 -26.64 19.23 -22.14
CA ASN D 201 -28.01 19.71 -22.37
C ASN D 201 -28.63 20.38 -21.15
N ASP D 202 -28.50 19.74 -19.99
CA ASP D 202 -29.32 20.03 -18.83
C ASP D 202 -28.43 20.09 -17.60
N VAL D 203 -28.99 20.63 -16.51
CA VAL D 203 -28.22 20.85 -15.29
C VAL D 203 -28.32 19.60 -14.42
N LEU D 204 -27.21 18.85 -14.34
CA LEU D 204 -27.11 17.71 -13.42
C LEU D 204 -27.05 18.19 -11.98
N GLY D 205 -26.45 19.34 -11.77
CA GLY D 205 -26.29 19.92 -10.45
C GLY D 205 -25.63 21.27 -10.61
N ARG D 206 -25.67 22.04 -9.53
CA ARG D 206 -25.16 23.39 -9.60
C ARG D 206 -24.83 23.84 -8.19
N ALA D 207 -24.03 24.88 -8.11
CA ALA D 207 -23.46 25.23 -6.82
C ALA D 207 -22.79 26.58 -6.91
N LYS D 208 -22.81 27.29 -5.80
CA LYS D 208 -22.17 28.59 -5.68
C LYS D 208 -21.01 28.49 -4.70
N ALA D 209 -19.91 29.16 -5.00
CA ALA D 209 -18.73 29.10 -4.13
C ALA D 209 -17.79 30.24 -4.53
N PRO D 210 -16.91 30.69 -3.63
CA PRO D 210 -16.09 31.87 -3.92
C PRO D 210 -15.02 31.65 -5.01
N SER D 211 -14.73 30.42 -5.43
CA SER D 211 -13.83 30.21 -6.57
C SER D 211 -14.50 29.28 -7.57
N GLN D 212 -13.90 29.17 -8.76
CA GLN D 212 -14.43 28.29 -9.80
C GLN D 212 -13.94 26.85 -9.68
N LYS D 213 -12.85 26.61 -8.94
CA LYS D 213 -12.44 25.24 -8.67
C LYS D 213 -13.36 24.60 -7.63
N GLU D 214 -13.64 25.32 -6.54
CA GLU D 214 -14.61 24.85 -5.56
C GLU D 214 -15.99 24.75 -6.18
N ALA D 215 -16.46 25.83 -6.81
CA ALA D 215 -17.79 25.85 -7.38
C ALA D 215 -18.04 24.63 -8.25
N GLY D 216 -17.10 24.31 -9.14
CA GLY D 216 -17.30 23.19 -10.05
C GLY D 216 -17.27 21.86 -9.35
N LEU D 217 -16.48 21.74 -8.27
CA LEU D 217 -16.46 20.50 -7.52
C LEU D 217 -17.74 20.30 -6.75
N ARG D 218 -18.33 21.41 -6.25
CA ARG D 218 -19.62 21.30 -5.58
C ARG D 218 -20.72 20.96 -6.57
N ALA D 219 -20.66 21.53 -7.77
CA ALA D 219 -21.62 21.18 -8.80
C ALA D 219 -21.76 19.67 -8.93
N ALA D 220 -20.63 18.97 -9.11
CA ALA D 220 -20.64 17.52 -9.21
C ALA D 220 -21.05 16.86 -7.90
N MET D 221 -20.54 17.35 -6.78
CA MET D 221 -20.98 16.86 -5.49
C MET D 221 -22.50 16.88 -5.42
N ASP D 222 -23.11 17.96 -5.89
CA ASP D 222 -24.56 18.06 -5.90
C ASP D 222 -25.19 17.06 -6.87
N ALA D 223 -24.55 16.79 -8.01
CA ALA D 223 -25.13 15.82 -8.93
C ALA D 223 -25.06 14.41 -8.37
N LEU D 224 -24.07 14.13 -7.51
CA LEU D 224 -23.95 12.80 -6.93
C LEU D 224 -24.96 12.54 -5.82
N LYS D 225 -25.46 13.59 -5.19
CA LYS D 225 -26.49 13.35 -4.19
C LYS D 225 -27.82 12.97 -4.78
N ASN D 226 -27.92 12.74 -6.11
CA ASN D 226 -29.07 12.07 -6.73
C ASN D 226 -28.50 10.97 -7.62
N ARG D 227 -28.18 9.81 -7.06
CA ARG D 227 -27.33 8.85 -7.77
C ARG D 227 -28.13 7.74 -8.44
N GLN D 228 -29.35 8.02 -8.90
CA GLN D 228 -30.04 7.11 -9.79
C GLN D 228 -30.77 7.89 -10.87
N LEU D 229 -31.16 7.16 -11.91
CA LEU D 229 -31.45 7.75 -13.22
C LEU D 229 -30.25 8.55 -13.70
N LEU D 230 -29.07 8.13 -13.26
CA LEU D 230 -27.80 8.67 -13.72
C LEU D 230 -26.89 7.52 -14.17
#